data_7BMK
#
_entry.id   7BMK
#
_cell.length_a   164.903
_cell.length_b   72.813
_cell.length_c   119.239
_cell.angle_alpha   90.000
_cell.angle_beta   129.820
_cell.angle_gamma   90.000
#
_symmetry.space_group_name_H-M   'C 1 2 1'
#
loop_
_entity.id
_entity.type
_entity.pdbx_description
1 polymer 'Serine/threonine-protein kinase/endoribonuclease IRE1'
2 non-polymer 2,2,2-tris(fluoranyl)-~{N}-[4-[3-[2-[[(3~{S})-piperidin-3-yl]amino]pyrimidin-4-yl]pyridin-2-yl]oxynaphthalen-1-yl]ethanesulfonamide
3 non-polymer GLYCEROL
4 non-polymer 1,2-ETHANEDIOL
5 non-polymer DI(HYDROXYETHYL)ETHER
6 non-polymer 'TRIETHYLENE GLYCOL'
7 water water
#
_entity_poly.entity_id   1
_entity_poly.type   'polypeptide(L)'
_entity_poly.pdbx_seq_one_letter_code
;GAMGSSPSLEQDDGDEETSVVIVGKISFCPKDVLGHGAEGTIVYRGMFDNRDVAVKRILPECFSFADREVQLLRESDEHP
NVIRYFCTEKDRQFQYIAIELCAATLQEYVEQKDFAHLGLEPITLLQQTTSGLAHLHSLNIVHRDLKPHNILISMPNAHG
KIKAMISDFGLCKKLAVGRHSFSRRSGVPGTEGWIAPEMLSEDCKENPTYTVDIFSAGCVFYYVISEGSHPFGKSLQRQA
NILLGACSLDCLHPEKHEDVIARELIEKMIAMDPQKRPSAKHVLKHPFFWSLEKQLQFFQDVSDRIEKESLDGPIVKQLE
RGGRAVVKMDWRENITVPLQTDLRKFRTYKGGSVRDLLRAMRNKKHHYRELPAEVRETLGSLPDDFVCYFTSRFPHLLAH
TYRAMELCSHERLFQPYYFHEPPEPQPPVTPDAL
;
_entity_poly.pdbx_strand_id   A,B
#
# COMPACT_ATOMS: atom_id res chain seq x y z
N THR A 18 14.65 -31.25 -28.16
CA THR A 18 14.75 -29.76 -27.98
C THR A 18 14.18 -29.02 -29.19
N SER A 19 13.61 -27.84 -28.95
CA SER A 19 13.34 -26.89 -30.03
C SER A 19 13.31 -25.48 -29.49
N VAL A 20 14.17 -24.61 -30.06
CA VAL A 20 14.25 -23.19 -29.66
C VAL A 20 14.33 -22.32 -30.91
N VAL A 21 13.44 -21.33 -30.97
CA VAL A 21 13.56 -20.24 -31.93
C VAL A 21 14.18 -19.07 -31.20
N ILE A 22 15.11 -18.36 -31.86
CA ILE A 22 15.78 -17.18 -31.28
C ILE A 22 15.53 -16.02 -32.24
N VAL A 23 14.88 -14.96 -31.75
CA VAL A 23 14.63 -13.73 -32.52
C VAL A 23 15.14 -12.57 -31.66
N GLY A 24 16.34 -12.07 -31.97
CA GLY A 24 16.98 -11.01 -31.18
C GLY A 24 17.16 -11.40 -29.72
N LYS A 25 16.60 -10.60 -28.81
CA LYS A 25 16.64 -10.89 -27.38
C LYS A 25 15.59 -11.90 -26.88
N ILE A 26 14.64 -12.29 -27.73
CA ILE A 26 13.58 -13.25 -27.39
C ILE A 26 13.98 -14.64 -27.89
N SER A 27 13.85 -15.63 -27.02
CA SER A 27 13.82 -17.02 -27.45
C SER A 27 12.52 -17.68 -26.97
N PHE A 28 12.11 -18.73 -27.66
CA PHE A 28 10.96 -19.55 -27.23
C PHE A 28 10.99 -20.95 -27.79
N CYS A 29 10.22 -21.82 -27.14
CA CYS A 29 10.08 -23.18 -27.55
C CYS A 29 8.76 -23.32 -28.32
N PRO A 30 8.81 -23.58 -29.66
CA PRO A 30 7.54 -23.71 -30.44
C PRO A 30 6.61 -24.86 -30.03
N LYS A 31 7.18 -25.89 -29.40
CA LYS A 31 6.39 -26.97 -28.77
C LYS A 31 5.62 -26.56 -27.51
N ASP A 32 6.05 -25.48 -26.84
CA ASP A 32 5.45 -25.02 -25.58
CA ASP A 32 5.45 -25.02 -25.57
C ASP A 32 4.38 -23.94 -25.83
N VAL A 33 3.24 -24.36 -26.41
CA VAL A 33 2.16 -23.44 -26.75
C VAL A 33 1.27 -23.19 -25.52
N LEU A 34 1.14 -21.91 -25.16
CA LEU A 34 0.30 -21.43 -24.03
C LEU A 34 -1.11 -21.00 -24.45
N GLY A 35 -1.29 -20.62 -25.72
CA GLY A 35 -2.62 -20.26 -26.23
C GLY A 35 -2.60 -19.85 -27.67
N HIS A 36 -3.80 -19.62 -28.20
CA HIS A 36 -4.03 -19.25 -29.60
C HIS A 36 -5.11 -18.18 -29.68
N GLY A 37 -4.92 -17.19 -30.54
CA GLY A 37 -5.90 -16.10 -30.79
C GLY A 37 -6.46 -16.08 -32.21
N ALA A 38 -7.19 -15.00 -32.51
CA ALA A 38 -7.68 -14.72 -33.87
C ALA A 38 -6.54 -14.22 -34.76
N GLU A 39 -6.70 -14.41 -36.07
CA GLU A 39 -5.70 -14.08 -37.09
C GLU A 39 -4.34 -14.79 -36.88
N GLY A 40 -4.39 -16.12 -36.71
CA GLY A 40 -3.20 -17.01 -36.60
C GLY A 40 -2.19 -16.76 -35.47
N THR A 41 -2.62 -16.05 -34.43
CA THR A 41 -1.74 -15.62 -33.32
C THR A 41 -1.50 -16.77 -32.36
N ILE A 42 -0.23 -17.02 -32.02
CA ILE A 42 0.15 -18.12 -31.11
C ILE A 42 0.99 -17.53 -29.99
N VAL A 43 0.77 -18.03 -28.77
CA VAL A 43 1.52 -17.64 -27.59
C VAL A 43 2.33 -18.83 -27.14
N TYR A 44 3.64 -18.61 -26.96
CA TYR A 44 4.58 -19.64 -26.55
C TYR A 44 5.23 -19.28 -25.20
N ARG A 45 5.70 -20.30 -24.47
CA ARG A 45 6.61 -20.06 -23.35
C ARG A 45 7.99 -19.74 -23.92
N GLY A 46 8.65 -18.74 -23.35
CA GLY A 46 9.99 -18.37 -23.75
C GLY A 46 10.85 -17.70 -22.72
N MET A 47 11.92 -17.07 -23.20
CA MET A 47 12.87 -16.34 -22.36
C MET A 47 13.22 -15.01 -23.01
N PHE A 48 13.38 -13.99 -22.17
CA PHE A 48 13.90 -12.69 -22.58
C PHE A 48 14.80 -12.17 -21.46
N ASP A 49 16.05 -11.83 -21.77
CA ASP A 49 16.98 -11.26 -20.79
C ASP A 49 17.09 -12.08 -19.48
N ASN A 50 17.18 -13.40 -19.69
CA ASN A 50 17.17 -14.42 -18.66
C ASN A 50 15.94 -14.45 -17.72
N ARG A 51 14.80 -13.91 -18.18
CA ARG A 51 13.52 -13.90 -17.47
C ARG A 51 12.59 -14.85 -18.24
N ASP A 52 11.76 -15.60 -17.53
CA ASP A 52 10.67 -16.36 -18.12
C ASP A 52 9.61 -15.41 -18.67
N VAL A 53 9.19 -15.66 -19.91
CA VAL A 53 8.18 -14.85 -20.56
C VAL A 53 7.19 -15.68 -21.35
N ALA A 54 6.03 -15.09 -21.60
CA ALA A 54 5.12 -15.53 -22.62
C ALA A 54 5.42 -14.71 -23.87
N VAL A 55 5.47 -15.38 -25.03
CA VAL A 55 5.86 -14.76 -26.30
C VAL A 55 4.70 -14.92 -27.27
N LYS A 56 4.13 -13.80 -27.70
CA LYS A 56 3.08 -13.81 -28.68
C LYS A 56 3.67 -13.53 -30.05
N ARG A 57 3.40 -14.41 -31.00
CA ARG A 57 3.79 -14.23 -32.38
C ARG A 57 2.62 -13.67 -33.16
N ILE A 58 2.87 -12.53 -33.84
CA ILE A 58 1.87 -11.74 -34.55
C ILE A 58 2.18 -11.83 -36.05
N LEU A 59 1.15 -11.95 -36.88
CA LEU A 59 1.26 -11.96 -38.35
C LEU A 59 1.23 -10.49 -38.89
N PRO A 60 1.73 -10.26 -40.13
CA PRO A 60 1.72 -8.92 -40.78
C PRO A 60 0.44 -8.11 -40.68
N GLU A 61 -0.69 -8.78 -40.91
CA GLU A 61 -2.02 -8.18 -40.81
C GLU A 61 -2.30 -7.52 -39.46
N CYS A 62 -1.72 -8.05 -38.37
CA CYS A 62 -1.86 -7.51 -37.01
C CYS A 62 -0.70 -6.63 -36.50
N PHE A 63 0.26 -6.25 -37.34
CA PHE A 63 1.40 -5.40 -36.90
C PHE A 63 0.96 -4.00 -36.39
N SER A 64 0.11 -3.32 -37.16
CA SER A 64 -0.45 -2.02 -36.74
C SER A 64 -1.25 -2.12 -35.42
N PHE A 65 -2.08 -3.17 -35.32
CA PHE A 65 -2.88 -3.50 -34.09
C PHE A 65 -1.99 -3.68 -32.84
N ALA A 66 -0.95 -4.51 -33.01
CA ALA A 66 0.05 -4.77 -31.96
C ALA A 66 0.81 -3.51 -31.54
N ASP A 67 1.29 -2.72 -32.51
CA ASP A 67 2.00 -1.46 -32.22
C ASP A 67 1.15 -0.50 -31.37
N ARG A 68 -0.13 -0.36 -31.73
CA ARG A 68 -1.07 0.47 -30.94
C ARG A 68 -1.20 0.03 -29.47
N GLU A 69 -1.45 -1.26 -29.24
CA GLU A 69 -1.67 -1.74 -27.88
C GLU A 69 -0.38 -1.71 -27.03
N VAL A 70 0.75 -2.08 -27.64
CA VAL A 70 2.06 -1.98 -26.97
C VAL A 70 2.35 -0.51 -26.58
N GLN A 71 2.14 0.40 -27.52
CA GLN A 71 2.29 1.86 -27.28
C GLN A 71 1.49 2.27 -26.07
N LEU A 72 0.24 1.80 -26.02
CA LEU A 72 -0.66 2.09 -24.91
C LEU A 72 -0.25 1.43 -23.61
N LEU A 73 0.18 0.17 -23.65
CA LEU A 73 0.61 -0.54 -22.44
C LEU A 73 1.86 0.04 -21.75
N ARG A 74 2.73 0.67 -22.55
N ARG A 74 2.75 0.66 -22.52
CA ARG A 74 3.71 1.65 -22.10
CA ARG A 74 4.01 1.12 -21.98
C ARG A 74 3.14 3.07 -22.01
C ARG A 74 3.76 2.21 -20.93
N GLU A 75 3.54 3.95 -22.94
N GLU A 75 2.61 2.88 -21.05
CA GLU A 75 3.06 5.35 -22.96
CA GLU A 75 2.30 3.95 -20.13
C GLU A 75 2.26 5.65 -21.70
C GLU A 75 1.46 3.53 -18.91
N SER A 76 1.91 4.59 -21.00
N SER A 76 0.94 2.31 -18.89
CA SER A 76 1.08 4.67 -19.80
CA SER A 76 0.18 1.90 -17.72
C SER A 76 1.90 4.30 -18.56
C SER A 76 0.80 0.74 -16.96
N ASP A 77 1.66 4.96 -17.41
N ASP A 77 1.91 0.18 -17.46
CA ASP A 77 2.38 4.62 -16.17
CA ASP A 77 2.34 -1.10 -16.92
C ASP A 77 2.08 3.20 -15.78
C ASP A 77 3.15 -0.99 -15.61
N GLU A 78 3.03 2.51 -15.20
N GLU A 78 3.49 0.24 -15.20
CA GLU A 78 2.74 1.12 -14.85
CA GLU A 78 4.27 0.46 -13.99
C GLU A 78 2.22 1.01 -13.42
C GLU A 78 3.50 -0.06 -12.79
N HIS A 79 1.76 -0.18 -13.06
N HIS A 79 2.19 -0.14 -12.95
CA HIS A 79 1.09 -0.42 -11.80
CA HIS A 79 1.31 -0.44 -11.86
C HIS A 79 1.32 -1.92 -11.58
C HIS A 79 1.41 -1.94 -11.60
N PRO A 80 1.42 -2.37 -10.32
CA PRO A 80 1.63 -3.84 -10.04
C PRO A 80 0.61 -4.84 -10.58
N ASN A 81 -0.60 -4.38 -10.76
CA ASN A 81 -1.75 -5.11 -11.25
C ASN A 81 -2.15 -4.86 -12.71
N VAL A 82 -1.20 -4.38 -13.51
CA VAL A 82 -1.30 -4.29 -14.95
C VAL A 82 -0.08 -5.04 -15.44
N ILE A 83 -0.30 -5.91 -16.43
CA ILE A 83 0.79 -6.81 -16.89
C ILE A 83 2.02 -6.04 -17.39
N ARG A 84 3.22 -6.50 -17.03
CA ARG A 84 4.49 -5.86 -17.46
C ARG A 84 4.84 -6.34 -18.90
N TYR A 85 4.99 -5.38 -19.80
CA TYR A 85 5.41 -5.59 -21.18
C TYR A 85 6.97 -5.51 -21.22
N PHE A 86 7.65 -6.48 -21.82
CA PHE A 86 9.16 -6.51 -21.77
C PHE A 86 9.88 -6.08 -23.02
N CYS A 87 9.51 -6.69 -24.13
CA CYS A 87 10.30 -6.63 -25.35
C CYS A 87 9.43 -6.94 -26.55
N THR A 88 9.69 -6.25 -27.66
CA THR A 88 9.21 -6.63 -28.99
C THR A 88 10.43 -6.93 -29.87
N GLU A 89 10.28 -7.95 -30.71
CA GLU A 89 11.22 -8.21 -31.81
C GLU A 89 10.43 -8.45 -33.07
N LYS A 90 11.14 -8.36 -34.19
CA LYS A 90 10.53 -8.39 -35.51
C LYS A 90 11.53 -9.06 -36.43
N ASP A 91 11.12 -10.14 -37.10
CA ASP A 91 11.92 -10.77 -38.19
C ASP A 91 11.26 -10.47 -39.56
N ARG A 92 11.69 -11.16 -40.62
CA ARG A 92 11.10 -11.00 -41.96
C ARG A 92 9.59 -11.31 -42.03
N GLN A 93 9.12 -12.27 -41.22
CA GLN A 93 7.76 -12.78 -41.27
C GLN A 93 6.83 -12.29 -40.16
N PHE A 94 7.35 -12.10 -38.94
CA PHE A 94 6.52 -11.94 -37.73
C PHE A 94 7.03 -10.82 -36.84
N GLN A 95 6.18 -10.45 -35.88
CA GLN A 95 6.54 -9.67 -34.70
C GLN A 95 6.31 -10.55 -33.48
N TYR A 96 7.13 -10.33 -32.47
CA TYR A 96 7.07 -11.09 -31.21
C TYR A 96 6.94 -10.09 -30.10
N ILE A 97 6.03 -10.33 -29.16
CA ILE A 97 5.83 -9.49 -27.97
C ILE A 97 5.99 -10.39 -26.76
N ALA A 98 6.87 -9.98 -25.84
CA ALA A 98 7.17 -10.74 -24.62
C ALA A 98 6.62 -10.02 -23.40
N ILE A 99 5.87 -10.74 -22.57
CA ILE A 99 5.37 -10.25 -21.26
C ILE A 99 5.77 -11.24 -20.19
N GLU A 100 5.60 -10.87 -18.93
CA GLU A 100 5.98 -11.78 -17.85
C GLU A 100 5.16 -13.06 -17.93
N LEU A 101 5.84 -14.18 -17.73
CA LEU A 101 5.21 -15.46 -17.63
C LEU A 101 4.43 -15.53 -16.31
N CYS A 102 3.19 -15.98 -16.41
CA CYS A 102 2.26 -16.09 -15.30
C CYS A 102 1.92 -17.55 -15.06
N ALA A 103 1.43 -17.82 -13.86
CA ALA A 103 1.05 -19.19 -13.45
C ALA A 103 -0.24 -19.67 -14.12
N ALA A 104 -1.20 -18.75 -14.28
CA ALA A 104 -2.53 -19.11 -14.71
C ALA A 104 -3.28 -17.87 -15.16
N THR A 105 -4.35 -18.08 -15.93
CA THR A 105 -5.40 -17.09 -16.07
C THR A 105 -6.36 -17.30 -14.90
N LEU A 106 -7.16 -16.26 -14.61
CA LEU A 106 -8.19 -16.38 -13.57
C LEU A 106 -9.25 -17.43 -13.96
N GLN A 107 -9.52 -17.57 -15.27
CA GLN A 107 -10.40 -18.62 -15.79
C GLN A 107 -9.90 -20.00 -15.39
N GLU A 108 -8.63 -20.28 -15.71
CA GLU A 108 -7.98 -21.54 -15.31
C GLU A 108 -8.03 -21.78 -13.81
N TYR A 109 -7.68 -20.74 -13.05
CA TYR A 109 -7.71 -20.75 -11.59
C TYR A 109 -9.06 -21.15 -11.01
N VAL A 110 -10.12 -20.52 -11.50
CA VAL A 110 -11.50 -20.79 -11.03
C VAL A 110 -12.03 -22.12 -11.60
N GLU A 111 -11.89 -22.35 -12.92
CA GLU A 111 -12.44 -23.56 -13.59
CA GLU A 111 -12.48 -23.55 -13.54
C GLU A 111 -11.85 -24.85 -13.03
N GLN A 112 -10.53 -24.82 -12.76
CA GLN A 112 -9.81 -25.97 -12.19
C GLN A 112 -9.88 -26.06 -10.66
N LYS A 113 -10.41 -25.01 -9.99
CA LYS A 113 -10.43 -24.90 -8.52
C LYS A 113 -9.06 -25.20 -7.94
N ASP A 114 -8.07 -24.49 -8.48
CA ASP A 114 -6.65 -24.79 -8.23
C ASP A 114 -6.12 -24.01 -7.00
N PHE A 115 -6.94 -23.90 -5.96
CA PHE A 115 -6.72 -22.99 -4.82
C PHE A 115 -5.55 -23.51 -3.96
N ALA A 116 -5.59 -24.82 -3.67
CA ALA A 116 -4.51 -25.53 -2.95
C ALA A 116 -3.11 -25.42 -3.57
N HIS A 117 -3.04 -25.33 -4.90
CA HIS A 117 -1.78 -25.15 -5.63
C HIS A 117 -1.21 -23.74 -5.46
N LEU A 118 -2.00 -22.71 -5.81
CA LEU A 118 -1.54 -21.30 -5.82
C LEU A 118 -1.72 -20.55 -4.49
N GLY A 119 -2.81 -20.81 -3.77
CA GLY A 119 -3.08 -20.21 -2.45
C GLY A 119 -3.46 -18.74 -2.38
N LEU A 120 -3.91 -18.15 -3.50
CA LEU A 120 -4.31 -16.73 -3.54
C LEU A 120 -5.76 -16.59 -3.11
N GLU A 121 -6.00 -15.71 -2.14
CA GLU A 121 -7.32 -15.50 -1.53
C GLU A 121 -8.23 -14.76 -2.55
N PRO A 122 -9.50 -15.20 -2.72
CA PRO A 122 -10.35 -14.55 -3.75
C PRO A 122 -10.58 -13.06 -3.58
N ILE A 123 -10.77 -12.58 -2.35
CA ILE A 123 -11.00 -11.14 -2.14
C ILE A 123 -9.77 -10.30 -2.55
N THR A 124 -8.57 -10.81 -2.23
CA THR A 124 -7.33 -10.11 -2.55
C THR A 124 -7.12 -10.03 -4.06
N LEU A 125 -7.37 -11.13 -4.78
CA LEU A 125 -7.25 -11.14 -6.25
C LEU A 125 -8.23 -10.12 -6.89
N LEU A 126 -9.44 -10.01 -6.35
CA LEU A 126 -10.42 -9.00 -6.82
C LEU A 126 -10.01 -7.58 -6.47
N GLN A 127 -9.40 -7.39 -5.29
CA GLN A 127 -8.86 -6.09 -4.89
C GLN A 127 -7.76 -5.64 -5.84
N GLN A 128 -6.85 -6.57 -6.13
CA GLN A 128 -5.74 -6.33 -7.05
C GLN A 128 -6.22 -6.01 -8.47
N THR A 129 -7.16 -6.81 -8.99
CA THR A 129 -7.76 -6.56 -10.32
C THR A 129 -8.38 -5.16 -10.37
N THR A 130 -9.14 -4.82 -9.34
CA THR A 130 -9.80 -3.52 -9.27
C THR A 130 -8.81 -2.36 -9.14
N SER A 131 -7.71 -2.57 -8.40
CA SER A 131 -6.66 -1.57 -8.30
CA SER A 131 -6.66 -1.56 -8.30
C SER A 131 -6.02 -1.31 -9.67
N GLY A 132 -5.76 -2.39 -10.41
CA GLY A 132 -5.29 -2.27 -11.81
C GLY A 132 -6.28 -1.53 -12.70
N LEU A 133 -7.57 -1.84 -12.53
CA LEU A 133 -8.63 -1.17 -13.28
C LEU A 133 -8.72 0.32 -12.97
N ALA A 134 -8.73 0.66 -11.68
CA ALA A 134 -8.69 2.05 -11.22
C ALA A 134 -7.51 2.83 -11.81
N HIS A 135 -6.36 2.17 -11.89
CA HIS A 135 -5.18 2.75 -12.54
C HIS A 135 -5.42 3.07 -14.02
N LEU A 136 -5.93 2.08 -14.77
CA LEU A 136 -6.27 2.34 -16.19
C LEU A 136 -7.27 3.48 -16.33
N HIS A 137 -8.35 3.45 -15.56
CA HIS A 137 -9.37 4.53 -15.60
C HIS A 137 -8.79 5.91 -15.24
N SER A 138 -7.86 5.95 -14.27
CA SER A 138 -7.14 7.20 -13.92
C SER A 138 -6.29 7.79 -15.06
N LEU A 139 -5.87 6.93 -16.00
CA LEU A 139 -5.18 7.32 -17.24
C LEU A 139 -6.10 7.55 -18.44
N ASN A 140 -7.40 7.64 -18.18
CA ASN A 140 -8.44 7.73 -19.21
C ASN A 140 -8.49 6.57 -20.18
N ILE A 141 -8.15 5.38 -19.68
CA ILE A 141 -8.13 4.16 -20.48
C ILE A 141 -9.32 3.32 -20.03
N VAL A 142 -10.21 3.00 -20.97
CA VAL A 142 -11.30 2.03 -20.76
C VAL A 142 -10.81 0.72 -21.37
N HIS A 143 -10.94 -0.38 -20.63
CA HIS A 143 -10.37 -1.67 -21.06
C HIS A 143 -11.26 -2.35 -22.13
N ARG A 144 -12.56 -2.45 -21.82
CA ARG A 144 -13.65 -2.97 -22.70
C ARG A 144 -13.76 -4.49 -22.87
N ASP A 145 -12.85 -5.25 -22.29
CA ASP A 145 -12.76 -6.68 -22.46
C ASP A 145 -12.28 -7.41 -21.19
N LEU A 146 -12.74 -6.95 -20.02
N LEU A 146 -12.75 -6.95 -20.03
CA LEU A 146 -12.37 -7.57 -18.75
CA LEU A 146 -12.44 -7.56 -18.76
C LEU A 146 -13.19 -8.86 -18.65
C LEU A 146 -13.21 -8.87 -18.66
N LYS A 147 -12.50 -9.96 -18.38
CA LYS A 147 -13.08 -11.27 -18.25
C LYS A 147 -12.03 -12.17 -17.60
N PRO A 148 -12.45 -13.31 -17.04
CA PRO A 148 -11.46 -14.14 -16.33
C PRO A 148 -10.26 -14.59 -17.18
N HIS A 149 -10.48 -14.85 -18.48
CA HIS A 149 -9.38 -15.23 -19.42
C HIS A 149 -8.27 -14.17 -19.48
N ASN A 150 -8.61 -12.89 -19.33
CA ASN A 150 -7.53 -11.86 -19.45
CA ASN A 150 -7.70 -11.73 -19.45
C ASN A 150 -7.08 -11.23 -18.13
N ILE A 151 -7.45 -11.84 -17.00
CA ILE A 151 -6.86 -11.51 -15.73
C ILE A 151 -5.83 -12.62 -15.49
N LEU A 152 -4.56 -12.22 -15.38
CA LEU A 152 -3.47 -13.15 -15.22
C LEU A 152 -3.04 -13.23 -13.77
N ILE A 153 -2.65 -14.43 -13.35
CA ILE A 153 -2.21 -14.71 -12.00
C ILE A 153 -0.71 -14.98 -12.10
N SER A 154 0.07 -14.19 -11.37
CA SER A 154 1.52 -14.22 -11.48
C SER A 154 2.12 -15.50 -10.93
N MET A 155 3.37 -15.77 -11.32
N MET A 155 3.37 -15.77 -11.32
CA MET A 155 4.21 -16.75 -10.66
CA MET A 155 4.21 -16.75 -10.66
C MET A 155 4.55 -16.22 -9.27
C MET A 155 4.56 -16.21 -9.28
N PRO A 156 4.80 -17.11 -8.28
CA PRO A 156 5.17 -16.61 -6.95
C PRO A 156 6.46 -15.81 -6.98
N ASN A 157 6.51 -14.73 -6.23
CA ASN A 157 7.76 -13.96 -6.08
C ASN A 157 8.67 -14.68 -5.07
N ALA A 158 9.78 -14.04 -4.69
CA ALA A 158 10.75 -14.62 -3.75
C ALA A 158 10.19 -14.93 -2.35
N HIS A 159 9.14 -14.20 -1.94
CA HIS A 159 8.40 -14.46 -0.71
C HIS A 159 7.12 -15.30 -0.90
N GLY A 160 6.97 -15.97 -2.05
CA GLY A 160 5.81 -16.80 -2.36
C GLY A 160 4.51 -16.07 -2.65
N LYS A 161 4.56 -14.75 -2.88
CA LYS A 161 3.36 -13.94 -3.07
C LYS A 161 2.98 -13.94 -4.55
N ILE A 162 1.67 -14.04 -4.79
CA ILE A 162 1.05 -14.11 -6.10
C ILE A 162 0.09 -12.94 -6.20
N LYS A 163 -0.05 -12.37 -7.39
CA LYS A 163 -0.97 -11.24 -7.62
C LYS A 163 -1.69 -11.38 -8.96
N ALA A 164 -2.85 -10.76 -9.02
CA ALA A 164 -3.62 -10.65 -10.25
C ALA A 164 -3.16 -9.43 -11.02
N MET A 165 -3.17 -9.56 -12.35
CA MET A 165 -2.80 -8.46 -13.26
C MET A 165 -3.75 -8.42 -14.45
N ILE A 166 -4.13 -7.21 -14.84
CA ILE A 166 -4.96 -7.00 -16.03
C ILE A 166 -4.07 -7.20 -17.26
N SER A 167 -4.60 -7.91 -18.24
CA SER A 167 -3.95 -8.10 -19.54
C SER A 167 -4.95 -7.91 -20.66
N ASP A 168 -4.42 -7.99 -21.88
CA ASP A 168 -5.16 -7.97 -23.13
C ASP A 168 -5.72 -6.59 -23.40
N PHE A 169 -4.90 -5.79 -24.06
CA PHE A 169 -5.20 -4.39 -24.34
C PHE A 169 -5.81 -4.18 -25.74
N GLY A 170 -6.29 -5.26 -26.37
CA GLY A 170 -6.72 -5.24 -27.77
C GLY A 170 -7.90 -4.34 -28.06
N LEU A 171 -8.83 -4.22 -27.10
CA LEU A 171 -9.99 -3.33 -27.22
C LEU A 171 -9.93 -2.04 -26.41
N CYS A 172 -8.79 -1.79 -25.75
CA CYS A 172 -8.70 -0.62 -24.88
CA CYS A 172 -8.65 -0.62 -24.88
C CYS A 172 -8.78 0.67 -25.69
N LYS A 173 -9.41 1.68 -25.09
CA LYS A 173 -9.53 3.00 -25.68
C LYS A 173 -9.00 4.01 -24.69
N LYS A 174 -8.10 4.88 -25.17
CA LYS A 174 -7.69 6.05 -24.44
C LYS A 174 -8.60 7.19 -24.85
N LEU A 175 -9.39 7.68 -23.91
CA LEU A 175 -10.32 8.78 -24.19
C LEU A 175 -9.53 10.09 -24.22
N ALA A 176 -9.79 10.89 -25.24
CA ALA A 176 -9.14 12.21 -25.39
C ALA A 176 -9.48 13.12 -24.22
N VAL A 177 -8.62 14.13 -24.01
CA VAL A 177 -8.79 15.08 -22.88
C VAL A 177 -10.13 15.81 -23.07
N GLY A 178 -10.91 15.90 -21.99
CA GLY A 178 -12.28 16.43 -22.06
C GLY A 178 -13.35 15.54 -22.71
N ARG A 179 -13.02 14.27 -22.99
CA ARG A 179 -13.99 13.26 -23.43
C ARG A 179 -14.18 12.27 -22.26
N HIS A 180 -15.43 12.04 -21.90
CA HIS A 180 -15.83 11.11 -20.81
C HIS A 180 -16.59 9.86 -21.29
N SER A 181 -16.81 9.74 -22.60
CA SER A 181 -17.52 8.65 -23.23
C SER A 181 -16.94 8.36 -24.61
N PHE A 182 -17.39 7.26 -25.22
CA PHE A 182 -17.00 6.87 -26.57
C PHE A 182 -18.19 6.29 -27.29
N SER A 183 -18.04 6.10 -28.60
CA SER A 183 -19.10 5.50 -29.42
C SER A 183 -19.07 3.99 -29.25
N ARG A 184 -20.24 3.42 -29.02
CA ARG A 184 -20.39 1.96 -28.90
C ARG A 184 -20.14 1.19 -30.19
N ARG A 185 -20.21 1.86 -31.34
CA ARG A 185 -19.82 1.31 -32.65
C ARG A 185 -18.30 1.38 -32.99
N SER A 186 -17.46 1.97 -32.14
CA SER A 186 -16.00 2.06 -32.41
C SER A 186 -15.34 0.73 -32.03
N GLY A 187 -15.22 -0.20 -32.99
CA GLY A 187 -14.69 -1.56 -32.76
C GLY A 187 -15.68 -2.59 -32.22
N VAL A 188 -15.13 -3.78 -32.05
CA VAL A 188 -15.80 -4.95 -31.45
C VAL A 188 -16.30 -4.56 -30.04
N PRO A 189 -17.55 -4.97 -29.66
CA PRO A 189 -18.20 -4.53 -28.41
C PRO A 189 -17.61 -5.12 -27.12
N GLY A 190 -16.96 -6.27 -27.26
CA GLY A 190 -16.29 -6.98 -26.17
C GLY A 190 -16.38 -8.48 -26.41
N THR A 191 -16.37 -9.27 -25.33
CA THR A 191 -16.53 -10.74 -25.40
C THR A 191 -17.96 -11.10 -24.96
N GLU A 192 -18.66 -11.88 -25.79
CA GLU A 192 -20.03 -12.32 -25.50
C GLU A 192 -20.14 -12.91 -24.09
N GLY A 193 -21.15 -12.45 -23.35
CA GLY A 193 -21.36 -12.79 -21.96
C GLY A 193 -20.74 -11.88 -20.90
N TRP A 194 -19.84 -10.97 -21.30
CA TRP A 194 -19.19 -10.01 -20.40
C TRP A 194 -19.42 -8.56 -20.81
N ILE A 195 -20.32 -8.30 -21.77
CA ILE A 195 -20.51 -6.99 -22.39
C ILE A 195 -21.65 -6.28 -21.68
N ALA A 196 -21.38 -5.05 -21.25
CA ALA A 196 -22.36 -4.21 -20.59
C ALA A 196 -23.56 -3.93 -21.52
N PRO A 197 -24.78 -3.89 -20.96
CA PRO A 197 -26.01 -3.83 -21.80
C PRO A 197 -26.09 -2.63 -22.75
N GLU A 198 -25.58 -1.48 -22.31
CA GLU A 198 -25.47 -0.26 -23.13
C GLU A 198 -24.66 -0.35 -24.42
N MET A 199 -23.76 -1.32 -24.50
CA MET A 199 -23.04 -1.63 -25.74
C MET A 199 -23.90 -2.25 -26.83
N LEU A 200 -24.92 -3.02 -26.45
CA LEU A 200 -25.71 -3.83 -27.40
C LEU A 200 -27.23 -3.65 -27.33
N SER A 201 -27.72 -2.79 -26.44
CA SER A 201 -29.15 -2.52 -26.28
C SER A 201 -29.71 -1.90 -27.57
N GLU A 202 -30.98 -2.19 -27.90
CA GLU A 202 -31.61 -1.65 -29.13
C GLU A 202 -31.51 -0.14 -29.23
N ASP A 203 -31.76 0.53 -28.10
CA ASP A 203 -31.71 1.98 -28.01
C ASP A 203 -30.40 2.41 -27.40
N CYS A 204 -29.79 3.44 -27.97
CA CYS A 204 -28.56 4.02 -27.46
C CYS A 204 -28.85 5.28 -26.61
N LYS A 205 -29.41 5.04 -25.41
CA LYS A 205 -29.81 6.10 -24.48
C LYS A 205 -28.65 6.97 -23.99
N GLU A 206 -27.52 6.34 -23.73
CA GLU A 206 -26.30 7.01 -23.27
C GLU A 206 -25.08 6.30 -23.84
N ASN A 207 -24.05 7.07 -24.21
CA ASN A 207 -22.82 6.49 -24.75
C ASN A 207 -22.06 5.76 -23.65
N PRO A 208 -21.40 4.64 -23.99
CA PRO A 208 -20.62 3.91 -22.97
C PRO A 208 -19.45 4.73 -22.41
N THR A 209 -19.13 4.47 -21.15
CA THR A 209 -18.11 5.18 -20.39
C THR A 209 -17.25 4.11 -19.69
N TYR A 210 -16.41 4.55 -18.75
CA TYR A 210 -15.62 3.67 -17.86
C TYR A 210 -16.47 2.60 -17.18
N THR A 211 -17.76 2.89 -16.94
CA THR A 211 -18.67 1.94 -16.28
C THR A 211 -18.96 0.65 -17.06
N VAL A 212 -18.60 0.56 -18.35
CA VAL A 212 -18.65 -0.75 -19.05
C VAL A 212 -17.74 -1.77 -18.35
N ASP A 213 -16.57 -1.30 -17.89
CA ASP A 213 -15.63 -2.18 -17.16
C ASP A 213 -16.10 -2.57 -15.78
N ILE A 214 -16.84 -1.70 -15.11
CA ILE A 214 -17.41 -1.99 -13.79
C ILE A 214 -18.44 -3.10 -13.92
N PHE A 215 -19.27 -3.05 -14.97
CA PHE A 215 -20.22 -4.12 -15.26
C PHE A 215 -19.50 -5.46 -15.44
N SER A 216 -18.51 -5.47 -16.32
CA SER A 216 -17.73 -6.68 -16.58
C SER A 216 -17.05 -7.16 -15.29
N ALA A 217 -16.47 -6.23 -14.54
CA ALA A 217 -15.82 -6.54 -13.26
C ALA A 217 -16.80 -7.13 -12.24
N GLY A 218 -18.02 -6.60 -12.20
CA GLY A 218 -19.07 -7.15 -11.34
C GLY A 218 -19.38 -8.62 -11.64
N CYS A 219 -19.44 -8.96 -12.91
CA CYS A 219 -19.57 -10.34 -13.34
C CYS A 219 -18.38 -11.19 -12.92
N VAL A 220 -17.17 -10.63 -13.07
CA VAL A 220 -15.96 -11.32 -12.61
C VAL A 220 -15.95 -11.57 -11.10
N PHE A 221 -16.33 -10.55 -10.31
CA PHE A 221 -16.42 -10.68 -8.82
C PHE A 221 -17.28 -11.90 -8.46
N TYR A 222 -18.47 -11.96 -9.05
CA TYR A 222 -19.41 -13.06 -8.77
C TYR A 222 -18.87 -14.41 -9.22
N TYR A 223 -18.25 -14.41 -10.41
CA TYR A 223 -17.56 -15.59 -10.93
C TYR A 223 -16.51 -16.15 -9.97
N VAL A 224 -15.68 -15.27 -9.44
CA VAL A 224 -14.64 -15.68 -8.48
C VAL A 224 -15.26 -16.17 -7.16
N ILE A 225 -16.13 -15.36 -6.56
CA ILE A 225 -16.72 -15.66 -5.22
C ILE A 225 -17.63 -16.91 -5.25
N SER A 226 -18.39 -17.09 -6.32
CA SER A 226 -19.22 -18.28 -6.54
C SER A 226 -18.48 -19.54 -6.99
N GLU A 227 -17.18 -19.41 -7.31
CA GLU A 227 -16.33 -20.46 -7.86
C GLU A 227 -16.80 -20.97 -9.22
N GLY A 228 -17.26 -20.05 -10.09
CA GLY A 228 -17.54 -20.35 -11.50
C GLY A 228 -18.90 -20.06 -12.08
N SER A 229 -19.84 -19.50 -11.32
CA SER A 229 -21.13 -19.08 -11.86
C SER A 229 -21.06 -17.64 -12.37
N HIS A 230 -22.04 -17.26 -13.17
CA HIS A 230 -22.10 -15.94 -13.78
C HIS A 230 -23.47 -15.35 -13.41
N PRO A 231 -23.54 -14.05 -13.06
CA PRO A 231 -24.85 -13.47 -12.67
C PRO A 231 -26.00 -13.63 -13.68
N PHE A 232 -25.65 -13.63 -14.96
CA PHE A 232 -26.55 -13.78 -16.10
C PHE A 232 -26.68 -15.17 -16.75
N GLY A 233 -26.17 -16.20 -16.06
CA GLY A 233 -26.46 -17.61 -16.35
C GLY A 233 -25.39 -18.30 -17.15
N LYS A 234 -25.78 -19.44 -17.71
CA LYS A 234 -24.90 -20.22 -18.59
C LYS A 234 -24.62 -19.50 -19.91
N SER A 235 -23.48 -19.82 -20.51
CA SER A 235 -22.95 -19.12 -21.71
C SER A 235 -23.93 -18.92 -22.85
N LEU A 236 -24.77 -19.92 -23.14
CA LEU A 236 -25.69 -19.87 -24.30
C LEU A 236 -26.68 -18.70 -24.25
N GLN A 237 -27.28 -18.47 -23.07
CA GLN A 237 -28.25 -17.40 -22.83
C GLN A 237 -27.66 -16.12 -22.22
N ARG A 238 -26.35 -16.07 -21.99
CA ARG A 238 -25.74 -15.07 -21.09
C ARG A 238 -25.95 -13.63 -21.56
N GLN A 239 -25.53 -13.36 -22.81
CA GLN A 239 -25.63 -11.98 -23.33
C GLN A 239 -27.08 -11.54 -23.55
N ALA A 240 -27.94 -12.45 -24.00
CA ALA A 240 -29.38 -12.19 -24.07
C ALA A 240 -29.98 -11.84 -22.69
N ASN A 241 -29.58 -12.58 -21.65
CA ASN A 241 -29.98 -12.25 -20.27
C ASN A 241 -29.48 -10.87 -19.79
N ILE A 242 -28.27 -10.50 -20.17
CA ILE A 242 -27.73 -9.15 -19.90
C ILE A 242 -28.64 -8.07 -20.48
N LEU A 243 -28.99 -8.21 -21.76
CA LEU A 243 -29.91 -7.27 -22.42
C LEU A 243 -31.29 -7.17 -21.75
N LEU A 244 -31.81 -8.31 -21.29
CA LEU A 244 -33.04 -8.37 -20.49
C LEU A 244 -32.94 -7.87 -19.04
N GLY A 245 -31.74 -7.75 -18.49
CA GLY A 245 -31.55 -7.50 -17.06
C GLY A 245 -31.88 -8.67 -16.15
N ALA A 246 -31.84 -9.89 -16.71
CA ALA A 246 -32.25 -11.09 -15.99
C ALA A 246 -31.02 -11.71 -15.30
N CYS A 247 -30.75 -11.26 -14.08
CA CYS A 247 -29.64 -11.80 -13.27
C CYS A 247 -30.12 -12.56 -12.05
N SER A 248 -29.27 -13.44 -11.57
CA SER A 248 -29.46 -14.15 -10.32
C SER A 248 -28.13 -14.21 -9.61
N LEU A 249 -28.13 -13.84 -8.33
CA LEU A 249 -26.96 -13.93 -7.48
C LEU A 249 -27.16 -14.97 -6.38
N ASP A 250 -27.84 -16.07 -6.72
CA ASP A 250 -28.28 -17.07 -5.74
C ASP A 250 -27.18 -17.97 -5.17
N CYS A 251 -25.95 -17.88 -5.70
CA CYS A 251 -24.78 -18.43 -4.98
C CYS A 251 -24.43 -17.69 -3.71
N LEU A 252 -24.92 -16.47 -3.53
CA LEU A 252 -24.69 -15.68 -2.32
C LEU A 252 -25.80 -15.94 -1.32
N HIS A 253 -25.41 -16.48 -0.18
CA HIS A 253 -26.30 -16.88 0.92
C HIS A 253 -26.99 -15.59 1.46
N PRO A 254 -28.33 -15.58 1.55
CA PRO A 254 -29.04 -14.38 1.98
C PRO A 254 -28.92 -13.97 3.46
N GLU A 255 -28.42 -14.86 4.29
CA GLU A 255 -28.19 -14.65 5.73
C GLU A 255 -26.77 -14.98 6.18
N LYS A 256 -25.78 -14.62 5.37
CA LYS A 256 -24.37 -14.76 5.69
C LYS A 256 -23.68 -13.43 5.39
N HIS A 257 -23.11 -12.81 6.43
CA HIS A 257 -22.45 -11.48 6.37
C HIS A 257 -21.59 -11.24 5.12
N GLU A 258 -20.65 -12.16 4.86
CA GLU A 258 -19.69 -12.04 3.75
C GLU A 258 -20.40 -12.00 2.40
N ASP A 259 -21.44 -12.82 2.27
CA ASP A 259 -22.27 -12.88 1.06
C ASP A 259 -23.23 -11.71 0.92
N VAL A 260 -23.81 -11.25 2.04
CA VAL A 260 -24.68 -10.06 2.05
C VAL A 260 -23.90 -8.83 1.56
N ILE A 261 -22.71 -8.66 2.10
CA ILE A 261 -21.78 -7.58 1.74
C ILE A 261 -21.38 -7.66 0.26
N ALA A 262 -20.98 -8.85 -0.21
CA ALA A 262 -20.64 -9.08 -1.62
C ALA A 262 -21.81 -8.81 -2.54
N ARG A 263 -23.00 -9.27 -2.18
CA ARG A 263 -24.21 -9.03 -2.98
C ARG A 263 -24.52 -7.55 -3.11
N GLU A 264 -24.43 -6.81 -2.02
CA GLU A 264 -24.70 -5.35 -2.03
C GLU A 264 -23.79 -4.61 -3.04
N LEU A 265 -22.50 -4.95 -3.03
CA LEU A 265 -21.55 -4.41 -4.01
C LEU A 265 -21.84 -4.87 -5.44
N ILE A 266 -21.94 -6.20 -5.63
CA ILE A 266 -22.08 -6.77 -6.98
C ILE A 266 -23.33 -6.25 -7.68
N GLU A 267 -24.45 -6.18 -6.96
CA GLU A 267 -25.71 -5.61 -7.51
C GLU A 267 -25.56 -4.24 -8.14
N LYS A 268 -24.80 -3.39 -7.46
CA LYS A 268 -24.50 -2.05 -7.97
C LYS A 268 -23.53 -2.09 -9.16
N MET A 269 -22.51 -2.96 -9.08
CA MET A 269 -21.54 -3.10 -10.19
C MET A 269 -22.20 -3.56 -11.49
N ILE A 270 -23.20 -4.43 -11.40
CA ILE A 270 -23.88 -4.97 -12.60
C ILE A 270 -25.22 -4.31 -12.90
N ALA A 271 -25.48 -3.13 -12.32
CA ALA A 271 -26.74 -2.42 -12.54
C ALA A 271 -26.93 -2.11 -14.02
N MET A 272 -28.17 -2.28 -14.49
CA MET A 272 -28.51 -2.02 -15.88
C MET A 272 -28.31 -0.56 -16.25
N ASP A 273 -28.60 0.36 -15.32
CA ASP A 273 -28.33 1.77 -15.49
C ASP A 273 -26.83 2.03 -15.23
N PRO A 274 -26.03 2.34 -16.29
CA PRO A 274 -24.57 2.58 -16.08
C PRO A 274 -24.23 3.69 -15.08
N GLN A 275 -25.10 4.70 -14.99
CA GLN A 275 -24.91 5.78 -14.01
C GLN A 275 -25.08 5.39 -12.54
N LYS A 276 -25.70 4.24 -12.27
CA LYS A 276 -25.79 3.69 -10.91
C LYS A 276 -24.59 2.80 -10.51
N ARG A 277 -23.69 2.50 -11.45
CA ARG A 277 -22.52 1.68 -11.13
C ARG A 277 -21.46 2.53 -10.44
N PRO A 278 -20.83 2.02 -9.36
CA PRO A 278 -19.74 2.74 -8.73
C PRO A 278 -18.49 2.77 -9.60
N SER A 279 -17.72 3.85 -9.53
CA SER A 279 -16.38 3.91 -10.13
C SER A 279 -15.46 2.85 -9.49
N ALA A 280 -14.34 2.57 -10.14
CA ALA A 280 -13.37 1.58 -9.63
C ALA A 280 -12.83 1.96 -8.26
N LYS A 281 -12.52 3.23 -8.05
CA LYS A 281 -12.07 3.72 -6.74
C LYS A 281 -13.16 3.61 -5.65
N HIS A 282 -14.42 3.84 -6.04
CA HIS A 282 -15.58 3.65 -5.18
C HIS A 282 -15.71 2.18 -4.75
N VAL A 283 -15.59 1.26 -5.72
CA VAL A 283 -15.59 -0.18 -5.46
C VAL A 283 -14.52 -0.57 -4.44
N LEU A 284 -13.32 0.00 -4.57
CA LEU A 284 -12.22 -0.27 -3.63
C LEU A 284 -12.46 0.15 -2.19
N LYS A 285 -13.32 1.16 -1.99
CA LYS A 285 -13.72 1.64 -0.65
C LYS A 285 -14.80 0.79 0.03
N HIS A 286 -15.44 -0.14 -0.71
CA HIS A 286 -16.61 -0.89 -0.24
C HIS A 286 -16.21 -1.84 0.92
N PRO A 287 -17.13 -2.09 1.87
CA PRO A 287 -16.84 -3.06 2.95
C PRO A 287 -16.46 -4.49 2.59
N PHE A 288 -16.77 -4.90 1.37
CA PHE A 288 -16.26 -6.14 0.77
C PHE A 288 -14.76 -6.30 0.98
N PHE A 289 -14.03 -5.19 0.90
CA PHE A 289 -12.57 -5.15 1.02
C PHE A 289 -12.01 -4.77 2.39
N TRP A 290 -12.87 -4.52 3.40
CA TRP A 290 -12.37 -4.08 4.69
C TRP A 290 -11.86 -5.25 5.45
N SER A 291 -10.70 -5.07 6.08
CA SER A 291 -10.26 -5.99 7.09
C SER A 291 -11.27 -6.13 8.23
N LEU A 292 -11.12 -7.20 8.99
CA LEU A 292 -11.97 -7.40 10.17
C LEU A 292 -11.76 -6.24 11.17
N GLU A 293 -10.53 -5.78 11.33
CA GLU A 293 -10.25 -4.65 12.23
C GLU A 293 -11.02 -3.42 11.79
N LYS A 294 -11.04 -3.17 10.48
CA LYS A 294 -11.74 -2.02 9.93
C LYS A 294 -13.23 -2.12 10.09
N GLN A 295 -13.80 -3.31 9.94
CA GLN A 295 -15.21 -3.54 10.18
C GLN A 295 -15.59 -3.20 11.63
N LEU A 296 -14.77 -3.66 12.57
CA LEU A 296 -15.01 -3.35 13.98
C LEU A 296 -14.87 -1.85 14.28
N GLN A 297 -13.88 -1.20 13.67
CA GLN A 297 -13.66 0.21 13.83
C GLN A 297 -14.86 1.01 13.30
N PHE A 298 -15.41 0.60 12.18
CA PHE A 298 -16.64 1.19 11.68
C PHE A 298 -17.79 1.09 12.69
N PHE A 299 -18.06 -0.12 13.18
CA PHE A 299 -19.11 -0.27 14.22
C PHE A 299 -18.88 0.63 15.46
N GLN A 300 -17.63 0.71 15.92
CA GLN A 300 -17.27 1.53 17.06
C GLN A 300 -17.51 3.01 16.77
N ASP A 301 -17.00 3.47 15.64
CA ASP A 301 -17.19 4.84 15.17
C ASP A 301 -18.67 5.20 15.02
N VAL A 302 -19.46 4.28 14.50
CA VAL A 302 -20.91 4.52 14.37
C VAL A 302 -21.55 4.67 15.75
N SER A 303 -21.26 3.72 16.65
CA SER A 303 -21.80 3.75 18.02
C SER A 303 -21.42 5.02 18.78
N ASP A 304 -20.16 5.44 18.66
CA ASP A 304 -19.73 6.73 19.25
C ASP A 304 -20.48 7.91 18.65
N ARG A 305 -20.63 7.91 17.33
CA ARG A 305 -21.34 8.98 16.64
C ARG A 305 -22.84 9.12 17.05
N ILE A 306 -23.50 7.99 17.27
CA ILE A 306 -24.94 7.98 17.64
C ILE A 306 -25.25 7.92 19.16
N GLU A 307 -24.23 7.95 20.03
CA GLU A 307 -24.42 7.77 21.50
C GLU A 307 -25.29 8.86 22.12
N LYS A 308 -25.12 10.12 21.69
CA LYS A 308 -25.94 11.24 22.17
C LYS A 308 -26.95 11.75 21.12
N GLU A 309 -27.23 10.93 20.12
CA GLU A 309 -28.14 11.30 19.05
C GLU A 309 -29.58 11.06 19.52
N SER A 310 -30.50 11.91 19.07
CA SER A 310 -31.92 11.78 19.41
C SER A 310 -32.52 10.52 18.80
N LEU A 311 -33.37 9.82 19.55
CA LEU A 311 -34.04 8.60 19.05
C LEU A 311 -35.01 8.90 17.88
N ASP A 312 -35.54 10.11 17.84
CA ASP A 312 -36.42 10.57 16.75
C ASP A 312 -35.70 11.44 15.70
N GLY A 313 -34.38 11.56 15.74
CA GLY A 313 -33.62 12.31 14.71
C GLY A 313 -33.46 11.47 13.45
N PRO A 314 -33.04 12.09 12.30
CA PRO A 314 -32.91 11.31 11.06
C PRO A 314 -31.90 10.14 11.07
N ILE A 315 -30.81 10.26 11.84
CA ILE A 315 -29.78 9.20 11.86
C ILE A 315 -30.35 7.94 12.53
N VAL A 316 -30.86 8.08 13.75
CA VAL A 316 -31.40 6.90 14.47
C VAL A 316 -32.64 6.33 13.78
N LYS A 317 -33.54 7.20 13.31
CA LYS A 317 -34.72 6.74 12.55
C LYS A 317 -34.31 5.88 11.32
N GLN A 318 -33.29 6.33 10.59
CA GLN A 318 -32.76 5.60 9.43
C GLN A 318 -32.12 4.26 9.83
N LEU A 319 -31.31 4.31 10.89
CA LEU A 319 -30.69 3.11 11.43
C LEU A 319 -31.71 2.09 11.96
N GLU A 320 -32.84 2.57 12.51
CA GLU A 320 -33.86 1.65 12.98
C GLU A 320 -34.89 1.24 11.92
N ARG A 321 -34.90 1.88 10.74
CA ARG A 321 -35.87 1.56 9.65
C ARG A 321 -35.49 0.19 9.04
N GLY A 322 -36.42 -0.78 9.10
CA GLY A 322 -36.07 -2.19 8.85
C GLY A 322 -35.20 -2.85 9.91
N GLY A 323 -35.10 -2.21 11.09
CA GLY A 323 -34.15 -2.63 12.11
C GLY A 323 -34.45 -3.98 12.76
N ARG A 324 -35.73 -4.29 12.95
CA ARG A 324 -36.17 -5.56 13.55
C ARG A 324 -35.63 -6.79 12.83
N ALA A 325 -35.63 -6.77 11.49
CA ALA A 325 -35.02 -7.90 10.72
C ALA A 325 -33.53 -8.01 10.96
N VAL A 326 -32.86 -6.87 11.09
CA VAL A 326 -31.41 -6.83 11.26
C VAL A 326 -30.99 -7.41 12.60
N VAL A 327 -31.73 -7.08 13.66
CA VAL A 327 -31.45 -7.61 15.01
C VAL A 327 -32.11 -8.96 15.30
N LYS A 328 -32.87 -9.49 14.32
CA LYS A 328 -33.63 -10.71 14.45
C LYS A 328 -34.65 -10.63 15.60
N MET A 329 -35.38 -9.50 15.63
CA MET A 329 -36.47 -9.16 16.56
C MET A 329 -36.02 -8.82 17.99
N ASP A 330 -35.18 -9.67 18.56
CA ASP A 330 -34.54 -9.47 19.85
C ASP A 330 -33.14 -10.05 19.75
N TRP A 331 -32.14 -9.18 19.64
CA TRP A 331 -30.76 -9.63 19.49
C TRP A 331 -30.18 -10.41 20.68
N ARG A 332 -30.76 -10.21 21.86
CA ARG A 332 -30.34 -10.96 23.06
C ARG A 332 -30.60 -12.47 22.98
N GLU A 333 -31.60 -12.88 22.17
CA GLU A 333 -31.88 -14.32 21.87
C GLU A 333 -30.73 -15.01 21.08
N ASN A 334 -29.99 -14.22 20.34
CA ASN A 334 -29.10 -14.71 19.30
C ASN A 334 -27.65 -14.55 19.62
N ILE A 335 -27.32 -14.33 20.91
CA ILE A 335 -25.94 -14.24 21.41
C ILE A 335 -25.79 -15.39 22.40
N THR A 336 -24.55 -15.77 22.66
CA THR A 336 -24.26 -16.88 23.56
C THR A 336 -24.59 -16.52 25.03
N VAL A 337 -24.87 -17.54 25.83
CA VAL A 337 -25.35 -17.40 27.20
C VAL A 337 -24.41 -16.57 28.13
N PRO A 338 -23.07 -16.76 28.02
CA PRO A 338 -22.17 -15.94 28.87
C PRO A 338 -22.29 -14.44 28.59
N LEU A 339 -22.47 -14.09 27.32
CA LEU A 339 -22.74 -12.70 26.96
C LEU A 339 -24.11 -12.22 27.42
N GLN A 340 -25.15 -13.05 27.24
CA GLN A 340 -26.49 -12.73 27.78
C GLN A 340 -26.44 -12.39 29.27
N THR A 341 -25.79 -13.26 30.04
CA THR A 341 -25.58 -13.09 31.47
C THR A 341 -24.87 -11.77 31.75
N ASP A 342 -23.80 -11.51 31.01
CA ASP A 342 -23.00 -10.29 31.21
C ASP A 342 -23.79 -9.01 30.91
N LEU A 343 -24.71 -9.06 29.94
CA LEU A 343 -25.52 -7.90 29.55
C LEU A 343 -26.75 -7.61 30.41
N ARG A 344 -27.17 -8.53 31.27
CA ARG A 344 -28.25 -8.24 32.28
C ARG A 344 -27.97 -7.09 33.25
N LYS A 345 -26.69 -6.82 33.51
CA LYS A 345 -26.26 -5.68 34.32
C LYS A 345 -26.75 -4.32 33.78
N PHE A 346 -26.64 -4.13 32.47
CA PHE A 346 -27.10 -2.92 31.77
C PHE A 346 -28.46 -3.19 31.11
N ARG A 347 -29.53 -3.03 31.88
CA ARG A 347 -30.91 -3.27 31.40
C ARG A 347 -31.45 -2.17 30.44
N THR A 348 -30.70 -1.09 30.20
CA THR A 348 -30.98 -0.10 29.14
C THR A 348 -30.82 -0.55 27.66
N TYR A 349 -30.27 -1.76 27.42
CA TYR A 349 -30.19 -2.27 26.02
C TYR A 349 -31.51 -2.92 25.63
N LYS A 350 -32.13 -2.35 24.59
CA LYS A 350 -33.34 -2.86 23.97
C LYS A 350 -32.92 -3.86 22.87
N GLY A 351 -33.40 -5.11 23.00
CA GLY A 351 -33.17 -6.14 21.99
C GLY A 351 -33.73 -5.85 20.60
N GLY A 352 -34.76 -5.01 20.52
CA GLY A 352 -35.34 -4.59 19.25
C GLY A 352 -34.58 -3.51 18.51
N SER A 353 -33.47 -2.99 19.08
CA SER A 353 -32.77 -1.81 18.56
C SER A 353 -31.38 -2.10 17.97
N VAL A 354 -31.18 -1.65 16.73
CA VAL A 354 -29.85 -1.66 16.06
C VAL A 354 -28.88 -0.77 16.82
N ARG A 355 -29.31 0.45 17.17
CA ARG A 355 -28.49 1.36 18.00
C ARG A 355 -27.95 0.66 19.24
N ASP A 356 -28.82 -0.06 19.94
CA ASP A 356 -28.41 -0.70 21.21
C ASP A 356 -27.50 -1.90 21.05
N LEU A 357 -27.68 -2.67 19.97
CA LEU A 357 -26.75 -3.77 19.65
C LEU A 357 -25.36 -3.17 19.40
N LEU A 358 -25.29 -2.10 18.62
CA LEU A 358 -24.01 -1.42 18.33
C LEU A 358 -23.43 -0.83 19.62
N ARG A 359 -24.28 -0.27 20.49
CA ARG A 359 -23.85 0.20 21.84
C ARG A 359 -23.25 -0.93 22.69
N ALA A 360 -23.90 -2.08 22.67
CA ALA A 360 -23.41 -3.26 23.42
C ALA A 360 -22.06 -3.73 22.91
N MET A 361 -21.91 -3.80 21.58
CA MET A 361 -20.64 -4.14 20.93
CA MET A 361 -20.64 -4.16 20.93
C MET A 361 -19.53 -3.22 21.34
N ARG A 362 -19.80 -1.92 21.23
CA ARG A 362 -18.81 -0.91 21.59
C ARG A 362 -18.45 -0.99 23.05
N ASN A 363 -19.47 -1.14 23.91
CA ASN A 363 -19.23 -1.28 25.33
C ASN A 363 -18.33 -2.47 25.66
N LYS A 364 -18.60 -3.63 25.07
CA LYS A 364 -17.79 -4.83 25.36
C LYS A 364 -16.38 -4.79 24.75
N LYS A 365 -16.24 -4.15 23.58
CA LYS A 365 -14.91 -3.87 23.01
C LYS A 365 -14.11 -2.95 23.94
N HIS A 366 -14.72 -1.82 24.31
CA HIS A 366 -14.06 -0.82 25.16
C HIS A 366 -13.67 -1.37 26.55
N HIS A 367 -14.59 -2.11 27.18
CA HIS A 367 -14.33 -2.73 28.50
C HIS A 367 -13.80 -4.19 28.46
N TYR A 368 -13.30 -4.64 27.31
CA TYR A 368 -12.91 -6.06 27.07
C TYR A 368 -11.97 -6.66 28.13
N ARG A 369 -10.93 -5.91 28.52
CA ARG A 369 -9.98 -6.38 29.54
C ARG A 369 -10.61 -6.61 30.92
N GLU A 370 -11.66 -5.85 31.24
N GLU A 370 -11.66 -5.84 31.23
CA GLU A 370 -12.37 -5.94 32.52
CA GLU A 370 -12.37 -5.94 32.52
C GLU A 370 -13.46 -7.03 32.56
C GLU A 370 -13.46 -7.03 32.56
N LEU A 371 -13.79 -7.63 31.42
CA LEU A 371 -14.87 -8.65 31.33
C LEU A 371 -14.42 -9.97 31.99
N PRO A 372 -15.38 -10.76 32.54
CA PRO A 372 -14.96 -12.08 33.06
C PRO A 372 -14.37 -12.98 31.97
N ALA A 373 -13.46 -13.86 32.36
CA ALA A 373 -12.78 -14.81 31.44
C ALA A 373 -13.73 -15.57 30.50
N GLU A 374 -14.85 -16.04 31.05
N GLU A 374 -14.85 -16.05 31.05
CA GLU A 374 -15.89 -16.74 30.29
CA GLU A 374 -15.89 -16.75 30.27
C GLU A 374 -16.49 -15.88 29.17
C GLU A 374 -16.49 -15.89 29.16
N VAL A 375 -16.65 -14.58 29.44
CA VAL A 375 -17.20 -13.62 28.47
C VAL A 375 -16.15 -13.31 27.37
N ARG A 376 -14.91 -13.04 27.79
CA ARG A 376 -13.79 -12.91 26.85
C ARG A 376 -13.66 -14.13 25.94
N GLU A 377 -13.81 -15.31 26.53
CA GLU A 377 -13.69 -16.59 25.82
C GLU A 377 -14.77 -16.77 24.77
N THR A 378 -16.03 -16.46 25.11
CA THR A 378 -17.13 -16.63 24.16
C THR A 378 -17.00 -15.63 22.99
N LEU A 379 -16.62 -14.39 23.30
CA LEU A 379 -16.40 -13.36 22.28
C LEU A 379 -15.22 -13.65 21.37
N GLY A 380 -14.16 -14.23 21.92
CA GLY A 380 -12.88 -14.35 21.25
C GLY A 380 -12.09 -13.04 21.33
N SER A 381 -10.86 -13.08 20.83
CA SER A 381 -9.94 -11.96 21.00
C SER A 381 -10.24 -10.82 20.04
N LEU A 382 -9.71 -9.66 20.40
CA LEU A 382 -9.87 -8.43 19.63
C LEU A 382 -8.75 -8.30 18.58
N PRO A 383 -9.03 -7.78 17.38
CA PRO A 383 -10.37 -7.41 16.88
C PRO A 383 -11.11 -8.51 16.10
N ASP A 384 -10.38 -9.52 15.62
CA ASP A 384 -10.89 -10.40 14.53
C ASP A 384 -11.99 -11.32 14.99
N ASP A 385 -11.70 -12.15 15.99
CA ASP A 385 -12.74 -13.08 16.52
C ASP A 385 -13.93 -12.33 17.14
N PHE A 386 -13.65 -11.24 17.84
CA PHE A 386 -14.66 -10.37 18.42
C PHE A 386 -15.67 -9.89 17.39
N VAL A 387 -15.20 -9.29 16.28
CA VAL A 387 -16.14 -8.75 15.31
C VAL A 387 -16.95 -9.86 14.60
N CYS A 388 -16.29 -10.99 14.35
CA CYS A 388 -16.94 -12.17 13.76
C CYS A 388 -18.05 -12.77 14.65
N TYR A 389 -17.88 -12.69 15.96
CA TYR A 389 -18.94 -13.06 16.92
C TYR A 389 -20.25 -12.40 16.55
N PHE A 390 -20.18 -11.09 16.29
CA PHE A 390 -21.37 -10.30 15.91
C PHE A 390 -21.80 -10.44 14.45
N THR A 391 -20.85 -10.40 13.51
CA THR A 391 -21.20 -10.48 12.07
C THR A 391 -21.69 -11.87 11.69
N SER A 392 -21.15 -12.92 12.32
CA SER A 392 -21.68 -14.29 12.12
C SER A 392 -23.14 -14.46 12.61
N ARG A 393 -23.54 -13.71 13.62
CA ARG A 393 -24.89 -13.83 14.21
C ARG A 393 -25.88 -12.85 13.61
N PHE A 394 -25.41 -11.69 13.13
CA PHE A 394 -26.25 -10.63 12.59
C PHE A 394 -25.75 -10.32 11.19
N PRO A 395 -26.12 -11.18 10.21
CA PRO A 395 -25.51 -11.08 8.87
C PRO A 395 -25.80 -9.78 8.13
N HIS A 396 -26.88 -9.06 8.51
CA HIS A 396 -27.22 -7.79 7.86
C HIS A 396 -26.71 -6.55 8.54
N LEU A 397 -26.06 -6.70 9.68
CA LEU A 397 -25.78 -5.57 10.55
C LEU A 397 -24.82 -4.56 9.88
N LEU A 398 -23.69 -5.04 9.34
CA LEU A 398 -22.75 -4.15 8.64
C LEU A 398 -23.39 -3.52 7.42
N ALA A 399 -23.99 -4.33 6.55
CA ALA A 399 -24.56 -3.81 5.30
C ALA A 399 -25.63 -2.76 5.58
N HIS A 400 -26.51 -3.05 6.53
CA HIS A 400 -27.59 -2.14 6.93
C HIS A 400 -27.03 -0.81 7.49
N THR A 401 -26.10 -0.94 8.41
CA THR A 401 -25.49 0.20 9.07
C THR A 401 -24.71 1.07 8.08
N TYR A 402 -23.97 0.42 7.18
CA TYR A 402 -23.19 1.10 6.15
C TYR A 402 -24.10 1.94 5.25
N ARG A 403 -25.23 1.35 4.86
CA ARG A 403 -26.27 2.10 4.09
C ARG A 403 -26.86 3.28 4.89
N ALA A 404 -27.30 2.98 6.11
CA ALA A 404 -27.95 4.00 6.97
C ALA A 404 -27.04 5.19 7.26
N MET A 405 -25.76 4.89 7.52
CA MET A 405 -24.79 5.93 7.89
C MET A 405 -24.19 6.71 6.73
N GLU A 406 -24.60 6.42 5.48
CA GLU A 406 -24.40 7.36 4.36
C GLU A 406 -24.82 8.83 4.68
N LEU A 407 -25.82 9.03 5.56
CA LEU A 407 -26.19 10.37 6.09
C LEU A 407 -25.03 11.16 6.73
N CYS A 408 -24.06 10.44 7.30
CA CYS A 408 -22.86 11.03 7.89
C CYS A 408 -21.62 10.89 7.02
N SER A 409 -21.78 10.56 5.73
CA SER A 409 -20.61 10.23 4.85
C SER A 409 -19.65 11.40 4.58
N HIS A 410 -20.21 12.60 4.55
CA HIS A 410 -19.49 13.89 4.49
C HIS A 410 -18.66 14.27 5.74
N GLU A 411 -18.96 13.68 6.88
CA GLU A 411 -18.29 14.00 8.15
C GLU A 411 -16.89 13.40 8.16
N ARG A 412 -15.91 14.16 8.67
CA ARG A 412 -14.49 13.76 8.62
C ARG A 412 -14.25 12.36 9.19
N LEU A 413 -14.92 12.03 10.30
CA LEU A 413 -14.81 10.73 10.95
C LEU A 413 -15.16 9.55 10.03
N PHE A 414 -16.13 9.76 9.13
CA PHE A 414 -16.59 8.70 8.20
C PHE A 414 -16.00 8.69 6.82
N GLN A 415 -15.22 9.72 6.47
CA GLN A 415 -14.59 9.78 5.13
C GLN A 415 -13.72 8.54 4.74
N PRO A 416 -12.99 7.92 5.67
CA PRO A 416 -12.35 6.62 5.42
C PRO A 416 -13.26 5.45 4.92
N TYR A 417 -14.53 5.50 5.23
CA TYR A 417 -15.45 4.41 4.96
C TYR A 417 -16.25 4.56 3.66
N TYR A 418 -16.35 5.78 3.17
CA TYR A 418 -17.18 6.12 2.02
C TYR A 418 -16.32 6.75 0.95
N PHE A 419 -16.82 6.78 -0.28
CA PHE A 419 -16.10 7.32 -1.41
C PHE A 419 -16.67 8.71 -1.72
N HIS A 420 -15.77 9.67 -1.93
CA HIS A 420 -16.11 11.00 -2.42
C HIS A 420 -15.23 11.28 -3.66
N GLU A 421 -15.87 11.61 -4.79
CA GLU A 421 -15.14 11.83 -6.07
C GLU A 421 -14.53 13.25 -6.04
N PRO A 422 -13.31 13.46 -6.63
CA PRO A 422 -12.62 14.77 -6.45
C PRO A 422 -13.30 16.06 -6.99
N PRO A 423 -13.71 16.11 -8.30
CA PRO A 423 -14.36 17.32 -8.79
C PRO A 423 -15.85 17.36 -8.42
N SER B 19 24.92 13.52 -34.84
CA SER B 19 25.39 12.12 -34.58
C SER B 19 24.61 11.47 -33.44
N VAL B 20 24.05 10.28 -33.70
CA VAL B 20 23.48 9.43 -32.65
C VAL B 20 24.05 8.01 -32.82
N VAL B 21 24.58 7.45 -31.73
CA VAL B 21 25.09 6.08 -31.67
C VAL B 21 23.88 5.17 -31.47
N ILE B 22 23.83 4.08 -32.21
CA ILE B 22 22.80 3.05 -32.08
C ILE B 22 23.51 1.74 -31.78
N VAL B 23 23.22 1.14 -30.63
CA VAL B 23 23.70 -0.21 -30.29
C VAL B 23 22.48 -1.03 -29.94
N GLY B 24 22.05 -1.88 -30.88
CA GLY B 24 20.85 -2.69 -30.71
C GLY B 24 19.60 -1.84 -30.44
N LYS B 25 18.94 -2.09 -29.33
CA LYS B 25 17.77 -1.30 -28.90
C LYS B 25 18.07 0.05 -28.24
N ILE B 26 19.33 0.31 -27.91
CA ILE B 26 19.76 1.54 -27.23
C ILE B 26 20.29 2.53 -28.29
N SER B 27 19.82 3.78 -28.18
CA SER B 27 20.42 4.90 -28.90
C SER B 27 20.72 6.08 -27.98
N PHE B 28 21.71 6.88 -28.36
CA PHE B 28 22.04 8.13 -27.65
C PHE B 28 22.95 9.05 -28.48
N CYS B 29 22.90 10.34 -28.18
CA CYS B 29 23.85 11.33 -28.72
C CYS B 29 25.01 11.45 -27.72
N PRO B 30 26.26 11.14 -28.13
CA PRO B 30 27.41 11.21 -27.20
C PRO B 30 27.73 12.57 -26.55
N LYS B 31 27.25 13.67 -27.15
CA LYS B 31 27.26 15.00 -26.54
C LYS B 31 26.38 15.18 -25.30
N ASP B 32 25.37 14.31 -25.12
CA ASP B 32 24.36 14.43 -24.05
C ASP B 32 24.76 13.64 -22.80
N VAL B 33 25.80 14.12 -22.11
CA VAL B 33 26.38 13.46 -20.94
C VAL B 33 25.58 13.86 -19.69
N LEU B 34 25.09 12.86 -18.96
CA LEU B 34 24.46 13.05 -17.64
C LEU B 34 25.43 12.93 -16.45
N GLY B 35 26.54 12.21 -16.62
CA GLY B 35 27.48 11.95 -15.53
C GLY B 35 28.64 11.05 -15.96
N HIS B 36 29.52 10.73 -15.01
CA HIS B 36 30.73 9.92 -15.24
C HIS B 36 30.93 8.92 -14.11
N THR B 41 33.80 5.03 -17.28
CA THR B 41 32.34 4.97 -17.29
C THR B 41 31.75 6.34 -17.56
N ILE B 42 30.91 6.42 -18.61
CA ILE B 42 30.15 7.62 -18.98
C ILE B 42 28.67 7.24 -18.96
N VAL B 43 27.84 8.18 -18.50
CA VAL B 43 26.37 8.06 -18.50
C VAL B 43 25.83 9.11 -19.44
N TYR B 44 25.07 8.66 -20.44
CA TYR B 44 24.44 9.55 -21.42
C TYR B 44 22.93 9.55 -21.25
N ARG B 45 22.28 10.64 -21.63
CA ARG B 45 20.84 10.58 -21.92
C ARG B 45 20.68 9.90 -23.28
N GLY B 46 19.75 8.96 -23.33
CA GLY B 46 19.44 8.22 -24.56
C GLY B 46 17.99 7.81 -24.66
N MET B 47 17.76 6.86 -25.55
CA MET B 47 16.43 6.29 -25.83
C MET B 47 16.54 4.78 -25.91
N PHE B 48 15.50 4.11 -25.42
CA PHE B 48 15.33 2.64 -25.56
C PHE B 48 13.83 2.39 -25.70
N ASP B 49 13.41 1.69 -26.76
CA ASP B 49 12.01 1.37 -27.04
C ASP B 49 11.07 2.61 -26.93
N ASN B 50 11.53 3.73 -27.50
CA ASN B 50 10.86 5.05 -27.44
C ASN B 50 10.60 5.62 -26.03
N ARG B 51 11.42 5.20 -25.06
CA ARG B 51 11.41 5.70 -23.70
C ARG B 51 12.73 6.45 -23.51
N ASP B 52 12.66 7.58 -22.81
CA ASP B 52 13.86 8.33 -22.40
C ASP B 52 14.56 7.51 -21.30
N VAL B 53 15.87 7.37 -21.42
CA VAL B 53 16.66 6.54 -20.49
C VAL B 53 18.00 7.19 -20.21
N ALA B 54 18.61 6.74 -19.13
CA ALA B 54 20.03 6.99 -18.86
C ALA B 54 20.77 5.75 -19.37
N VAL B 55 21.87 5.97 -20.09
CA VAL B 55 22.65 4.91 -20.72
C VAL B 55 24.07 4.96 -20.18
N LYS B 56 24.47 3.91 -19.49
CA LYS B 56 25.82 3.80 -18.98
C LYS B 56 26.64 2.99 -19.97
N ARG B 57 27.77 3.52 -20.40
CA ARG B 57 28.76 2.80 -21.20
C ARG B 57 29.86 2.26 -20.30
N ILE B 58 30.10 0.96 -20.40
CA ILE B 58 31.02 0.20 -19.54
C ILE B 58 32.23 -0.21 -20.40
N LEU B 59 33.44 -0.05 -19.86
CA LEU B 59 34.69 -0.49 -20.50
C LEU B 59 34.98 -1.96 -20.14
N PRO B 60 35.81 -2.67 -20.94
CA PRO B 60 36.18 -4.10 -20.71
C PRO B 60 36.53 -4.52 -19.28
N GLU B 61 37.34 -3.69 -18.64
CA GLU B 61 37.76 -3.84 -17.24
C GLU B 61 36.56 -4.03 -16.26
N CYS B 62 35.42 -3.40 -16.56
CA CYS B 62 34.22 -3.43 -15.74
C CYS B 62 33.09 -4.38 -16.22
N PHE B 63 33.35 -5.24 -17.21
CA PHE B 63 32.30 -6.10 -17.77
C PHE B 63 31.69 -7.09 -16.75
N SER B 64 32.55 -7.81 -16.02
CA SER B 64 32.09 -8.73 -14.96
C SER B 64 31.33 -8.03 -13.83
N PHE B 65 31.81 -6.86 -13.43
CA PHE B 65 31.18 -5.96 -12.42
C PHE B 65 29.75 -5.56 -12.84
N ALA B 66 29.62 -5.09 -14.10
CA ALA B 66 28.32 -4.80 -14.74
C ALA B 66 27.37 -6.01 -14.81
N ASP B 67 27.88 -7.15 -15.27
CA ASP B 67 27.08 -8.40 -15.32
C ASP B 67 26.53 -8.80 -13.96
N ARG B 68 27.36 -8.72 -12.94
CA ARG B 68 26.99 -9.09 -11.56
C ARG B 68 25.85 -8.21 -11.04
N GLU B 69 25.97 -6.89 -11.18
CA GLU B 69 24.99 -5.97 -10.64
C GLU B 69 23.65 -6.04 -11.38
N VAL B 70 23.70 -6.16 -12.72
CA VAL B 70 22.47 -6.32 -13.53
C VAL B 70 21.78 -7.63 -13.15
N GLN B 71 22.56 -8.72 -13.06
CA GLN B 71 22.05 -10.04 -12.65
C GLN B 71 21.31 -9.91 -11.34
N LEU B 72 21.90 -9.19 -10.39
CA LEU B 72 21.28 -8.94 -9.09
C LEU B 72 20.06 -8.06 -9.15
N LEU B 73 20.11 -6.99 -9.93
CA LEU B 73 18.99 -6.07 -10.05
C LEU B 73 17.72 -6.64 -10.70
N ARG B 74 17.84 -7.68 -11.54
N ARG B 74 17.90 -7.76 -11.46
CA ARG B 74 16.64 -8.22 -12.21
CA ARG B 74 16.87 -8.60 -12.15
C ARG B 74 15.63 -8.76 -11.19
C ARG B 74 16.58 -10.04 -11.61
N GLU B 75 16.17 -9.14 -10.04
N GLU B 75 17.57 -10.70 -11.01
CA GLU B 75 15.42 -9.70 -8.95
CA GLU B 75 17.34 -11.96 -10.27
C GLU B 75 14.72 -8.69 -8.06
C GLU B 75 16.47 -11.66 -9.05
N SER B 76 15.20 -7.45 -8.01
N SER B 76 16.39 -10.38 -8.72
CA SER B 76 14.60 -6.51 -7.08
CA SER B 76 15.68 -9.95 -7.51
C SER B 76 13.88 -5.30 -7.71
C SER B 76 14.33 -9.33 -7.83
N ASP B 77 13.97 -5.12 -9.03
N ASP B 77 13.36 -9.54 -6.94
CA ASP B 77 13.40 -3.91 -9.62
CA ASP B 77 12.01 -9.03 -7.14
C ASP B 77 11.87 -4.03 -9.71
C ASP B 77 11.97 -7.53 -7.23
N GLU B 78 11.37 -5.15 -9.22
N GLU B 78 11.03 -7.03 -8.03
CA GLU B 78 9.97 -5.26 -8.81
CA GLU B 78 10.79 -5.60 -8.30
C GLU B 78 9.81 -4.79 -7.35
C GLU B 78 10.08 -4.87 -7.15
N HIS B 79 10.20 -3.55 -7.12
CA HIS B 79 9.66 -2.75 -6.07
C HIS B 79 9.68 -1.31 -6.60
N PRO B 80 8.66 -0.49 -6.31
CA PRO B 80 8.61 0.89 -6.89
C PRO B 80 9.77 1.85 -6.49
N ASN B 81 10.38 1.60 -5.34
CA ASN B 81 11.52 2.35 -4.80
C ASN B 81 12.92 1.75 -4.99
N VAL B 82 13.04 0.86 -5.98
CA VAL B 82 14.30 0.37 -6.50
C VAL B 82 14.23 0.68 -8.01
N ILE B 83 15.32 1.23 -8.53
CA ILE B 83 15.33 1.75 -9.92
C ILE B 83 14.96 0.66 -10.96
N ARG B 84 14.14 1.02 -11.97
CA ARG B 84 13.78 0.03 -13.04
C ARG B 84 14.93 -0.12 -14.08
N TYR B 85 15.42 -1.36 -14.24
CA TYR B 85 16.46 -1.69 -15.20
C TYR B 85 15.75 -2.12 -16.52
N PHE B 86 16.15 -1.57 -17.67
CA PHE B 86 15.44 -1.82 -18.95
C PHE B 86 16.12 -2.77 -19.93
N CYS B 87 17.40 -2.53 -20.18
CA CYS B 87 18.07 -3.13 -21.34
C CYS B 87 19.57 -3.15 -21.12
N THR B 88 20.22 -4.22 -21.57
CA THR B 88 21.68 -4.25 -21.78
C THR B 88 22.02 -4.52 -23.25
N GLU B 89 23.09 -3.91 -23.74
CA GLU B 89 23.68 -4.22 -25.04
C GLU B 89 25.18 -4.31 -24.89
N LYS B 90 25.79 -4.90 -25.91
CA LYS B 90 27.20 -5.23 -25.95
C LYS B 90 27.60 -5.11 -27.42
N ASP B 91 28.58 -4.26 -27.73
CA ASP B 91 29.23 -4.22 -29.06
C ASP B 91 30.65 -4.77 -28.94
N ARG B 92 31.46 -4.59 -29.99
CA ARG B 92 32.85 -5.06 -29.98
C ARG B 92 33.73 -4.45 -28.88
N GLN B 93 33.45 -3.19 -28.50
CA GLN B 93 34.29 -2.45 -27.53
C GLN B 93 33.71 -2.23 -26.14
N PHE B 94 32.38 -2.12 -26.04
CA PHE B 94 31.72 -1.69 -24.80
C PHE B 94 30.49 -2.53 -24.47
N GLN B 95 30.02 -2.36 -23.24
CA GLN B 95 28.69 -2.78 -22.81
C GLN B 95 27.88 -1.56 -22.41
N TYR B 96 26.57 -1.68 -22.54
CA TYR B 96 25.63 -0.59 -22.34
C TYR B 96 24.54 -1.07 -21.40
N ILE B 97 24.16 -0.25 -20.41
CA ILE B 97 23.04 -0.56 -19.49
C ILE B 97 22.11 0.65 -19.52
N ALA B 98 20.83 0.39 -19.76
CA ALA B 98 19.80 1.46 -19.81
C ALA B 98 18.85 1.32 -18.63
N ILE B 99 18.60 2.43 -17.93
CA ILE B 99 17.60 2.51 -16.84
C ILE B 99 16.68 3.71 -17.11
N GLU B 100 15.59 3.80 -16.35
CA GLU B 100 14.68 4.92 -16.55
C GLU B 100 15.40 6.25 -16.31
N LEU B 101 15.12 7.23 -17.16
CA LEU B 101 15.62 8.59 -16.96
C LEU B 101 14.85 9.21 -15.78
N CYS B 102 15.62 9.79 -14.84
CA CYS B 102 15.13 10.41 -13.61
C CYS B 102 15.34 11.92 -13.67
N ALA B 103 14.61 12.64 -12.82
CA ALA B 103 14.70 14.10 -12.75
C ALA B 103 15.99 14.57 -12.07
N ALA B 104 16.41 13.86 -11.02
CA ALA B 104 17.48 14.33 -10.16
C ALA B 104 18.02 13.19 -9.27
N THR B 105 19.21 13.39 -8.73
CA THR B 105 19.67 12.65 -7.55
C THR B 105 19.12 13.38 -6.32
N LEU B 106 19.09 12.68 -5.19
CA LEU B 106 18.74 13.31 -3.91
C LEU B 106 19.71 14.41 -3.52
N GLN B 107 21.00 14.27 -3.88
CA GLN B 107 21.99 15.35 -3.68
C GLN B 107 21.57 16.63 -4.38
N GLU B 108 21.29 16.52 -5.67
CA GLU B 108 20.80 17.65 -6.48
C GLU B 108 19.53 18.25 -5.91
N TYR B 109 18.58 17.39 -5.54
CA TYR B 109 17.30 17.77 -4.92
C TYR B 109 17.50 18.64 -3.66
N VAL B 110 18.36 18.17 -2.74
CA VAL B 110 18.66 18.89 -1.50
C VAL B 110 19.52 20.14 -1.72
N GLU B 111 20.58 20.01 -2.52
CA GLU B 111 21.52 21.12 -2.80
C GLU B 111 20.84 22.31 -3.52
N GLN B 112 19.91 22.01 -4.42
CA GLN B 112 19.18 22.99 -5.22
C GLN B 112 17.81 23.22 -4.59
N GLY B 119 6.91 18.24 -6.46
CA GLY B 119 6.93 18.76 -5.10
C GLY B 119 6.77 17.65 -4.07
N LEU B 120 7.83 16.88 -3.89
CA LEU B 120 7.86 15.78 -2.91
C LEU B 120 8.13 16.29 -1.48
N GLU B 121 7.39 15.76 -0.50
CA GLU B 121 7.62 16.05 0.91
C GLU B 121 8.89 15.29 1.37
N PRO B 122 9.77 15.92 2.19
CA PRO B 122 11.01 15.22 2.61
C PRO B 122 10.79 13.91 3.39
N ILE B 123 9.80 13.87 4.28
CA ILE B 123 9.51 12.64 5.02
C ILE B 123 9.09 11.49 4.08
N THR B 124 8.28 11.81 3.07
CA THR B 124 7.81 10.81 2.08
C THR B 124 8.97 10.23 1.28
N LEU B 125 9.88 11.08 0.83
CA LEU B 125 11.11 10.69 0.16
CA LEU B 125 11.09 10.66 0.13
C LEU B 125 11.93 9.67 0.97
N LEU B 126 12.07 9.96 2.26
CA LEU B 126 12.78 9.08 3.20
C LEU B 126 12.02 7.78 3.47
N GLN B 127 10.68 7.86 3.54
CA GLN B 127 9.83 6.66 3.67
CA GLN B 127 9.84 6.66 3.69
C GLN B 127 10.02 5.74 2.47
N GLN B 128 9.97 6.33 1.28
CA GLN B 128 10.16 5.63 0.01
C GLN B 128 11.54 4.98 -0.09
N THR B 129 12.59 5.75 0.21
CA THR B 129 13.97 5.24 0.26
C THR B 129 14.07 4.04 1.20
N THR B 130 13.50 4.19 2.40
CA THR B 130 13.52 3.13 3.40
C THR B 130 12.71 1.90 2.98
N SER B 131 11.59 2.11 2.28
CA SER B 131 10.81 1.01 1.73
CA SER B 131 10.81 0.98 1.74
C SER B 131 11.60 0.21 0.70
N GLY B 132 12.32 0.92 -0.17
CA GLY B 132 13.22 0.29 -1.14
C GLY B 132 14.34 -0.49 -0.45
N LEU B 133 14.90 0.09 0.61
CA LEU B 133 15.94 -0.57 1.41
C LEU B 133 15.41 -1.84 2.10
N ALA B 134 14.26 -1.73 2.76
CA ALA B 134 13.58 -2.87 3.39
C ALA B 134 13.35 -4.01 2.39
N HIS B 135 12.96 -3.66 1.16
CA HIS B 135 12.79 -4.64 0.09
C HIS B 135 14.11 -5.36 -0.23
N LEU B 136 15.19 -4.61 -0.43
CA LEU B 136 16.51 -5.21 -0.65
C LEU B 136 16.91 -6.13 0.49
N HIS B 137 16.81 -5.64 1.73
CA HIS B 137 17.13 -6.46 2.91
C HIS B 137 16.27 -7.71 3.04
N SER B 138 14.99 -7.63 2.68
CA SER B 138 14.10 -8.81 2.64
C SER B 138 14.51 -9.90 1.62
N LEU B 139 15.26 -9.50 0.59
CA LEU B 139 15.88 -10.42 -0.37
C LEU B 139 17.33 -10.82 -0.03
N ASN B 140 17.75 -10.52 1.19
CA ASN B 140 19.13 -10.72 1.67
C ASN B 140 20.18 -9.95 0.86
N ILE B 141 19.80 -8.77 0.36
CA ILE B 141 20.70 -7.89 -0.40
C ILE B 141 21.07 -6.73 0.50
N VAL B 142 22.37 -6.55 0.73
CA VAL B 142 22.92 -5.39 1.45
C VAL B 142 23.44 -4.46 0.38
N HIS B 143 23.12 -3.17 0.48
CA HIS B 143 23.51 -2.21 -0.54
C HIS B 143 24.99 -1.80 -0.45
N ARG B 144 25.42 -1.40 0.76
CA ARG B 144 26.82 -1.03 1.12
C ARG B 144 27.39 0.30 0.62
N ASP B 145 26.57 1.08 -0.08
CA ASP B 145 26.98 2.33 -0.73
C ASP B 145 25.85 3.36 -0.84
N LEU B 146 24.97 3.40 0.17
CA LEU B 146 23.82 4.29 0.16
C LEU B 146 24.31 5.69 0.50
N LYS B 147 23.93 6.65 -0.33
CA LYS B 147 24.28 8.06 -0.14
C LYS B 147 23.34 8.90 -1.05
N PRO B 148 23.27 10.23 -0.83
CA PRO B 148 22.34 11.03 -1.63
C PRO B 148 22.53 10.95 -3.16
N HIS B 149 23.78 10.82 -3.63
CA HIS B 149 24.06 10.64 -5.08
C HIS B 149 23.40 9.40 -5.68
N ASN B 150 23.27 8.33 -4.88
CA ASN B 150 22.68 7.04 -5.31
C ASN B 150 21.16 6.87 -5.11
N ILE B 151 20.50 7.87 -4.54
CA ILE B 151 19.05 7.86 -4.43
C ILE B 151 18.57 8.75 -5.58
N LEU B 152 17.82 8.16 -6.51
CA LEU B 152 17.30 8.87 -7.66
C LEU B 152 15.85 9.28 -7.45
N ILE B 153 15.50 10.45 -8.01
CA ILE B 153 14.18 11.03 -7.91
C ILE B 153 13.60 10.96 -9.30
N SER B 154 12.44 10.29 -9.42
CA SER B 154 11.81 10.06 -10.71
C SER B 154 11.33 11.37 -11.36
N MET B 155 11.13 11.28 -12.66
CA MET B 155 10.36 12.27 -13.42
CA MET B 155 10.37 12.30 -13.39
C MET B 155 8.90 12.17 -12.95
N PRO B 156 8.13 13.28 -13.01
CA PRO B 156 6.73 13.17 -12.57
C PRO B 156 5.94 12.19 -13.45
N ASN B 157 5.07 11.40 -12.83
CA ASN B 157 4.22 10.48 -13.56
C ASN B 157 3.03 11.28 -14.15
N ALA B 158 2.07 10.58 -14.73
CA ALA B 158 0.92 11.23 -15.37
C ALA B 158 0.01 12.04 -14.42
N HIS B 159 0.02 11.70 -13.13
CA HIS B 159 -0.64 12.48 -12.07
C HIS B 159 0.30 13.45 -11.30
N GLY B 160 1.47 13.76 -11.87
CA GLY B 160 2.44 14.67 -11.27
C GLY B 160 3.21 14.16 -10.06
N LYS B 161 3.15 12.86 -9.77
CA LYS B 161 3.73 12.30 -8.56
C LYS B 161 5.18 11.91 -8.85
N ILE B 162 6.06 12.16 -7.89
CA ILE B 162 7.49 11.81 -7.99
C ILE B 162 7.81 10.89 -6.82
N LYS B 163 8.82 10.03 -7.02
CA LYS B 163 9.25 9.11 -5.98
C LYS B 163 10.77 8.92 -5.93
N ALA B 164 11.26 8.47 -4.78
CA ALA B 164 12.67 8.12 -4.62
C ALA B 164 12.87 6.66 -4.97
N MET B 165 14.03 6.37 -5.57
CA MET B 165 14.43 5.02 -5.93
C MET B 165 15.89 4.80 -5.59
N ILE B 166 16.18 3.64 -5.01
CA ILE B 166 17.55 3.21 -4.73
C ILE B 166 18.20 2.81 -6.07
N SER B 167 19.44 3.27 -6.24
CA SER B 167 20.26 2.95 -7.41
C SER B 167 21.69 2.62 -6.99
N ASP B 168 22.47 2.25 -7.99
CA ASP B 168 23.90 1.94 -7.89
C ASP B 168 24.11 0.66 -7.11
N PHE B 169 24.03 -0.44 -7.86
CA PHE B 169 24.14 -1.78 -7.31
C PHE B 169 25.57 -2.34 -7.39
N GLY B 170 26.57 -1.48 -7.64
CA GLY B 170 27.96 -1.90 -7.86
C GLY B 170 28.59 -2.63 -6.69
N LEU B 171 28.25 -2.21 -5.47
CA LEU B 171 28.76 -2.83 -4.25
C LEU B 171 27.75 -3.69 -3.50
N CYS B 172 26.56 -3.91 -4.06
CA CYS B 172 25.52 -4.72 -3.40
CA CYS B 172 25.55 -4.69 -3.35
C CYS B 172 26.02 -6.16 -3.24
N LYS B 173 25.69 -6.76 -2.11
CA LYS B 173 26.05 -8.15 -1.80
C LYS B 173 24.77 -8.91 -1.48
N LYS B 174 24.58 -10.03 -2.14
CA LYS B 174 23.49 -10.96 -1.89
C LYS B 174 24.03 -12.00 -0.92
N LEU B 175 23.53 -12.01 0.31
CA LEU B 175 23.96 -12.97 1.31
C LEU B 175 23.25 -14.29 1.08
N ALA B 176 23.95 -15.41 1.26
CA ALA B 176 23.34 -16.76 1.26
C ALA B 176 22.26 -16.90 2.32
N VAL B 177 21.37 -17.87 2.10
CA VAL B 177 20.17 -18.05 2.93
C VAL B 177 20.64 -18.41 4.36
N GLY B 178 20.06 -17.74 5.34
CA GLY B 178 20.48 -17.86 6.74
C GLY B 178 21.79 -17.17 7.15
N ARG B 179 22.42 -16.40 6.24
CA ARG B 179 23.72 -15.74 6.50
C ARG B 179 23.49 -14.25 6.65
N HIS B 180 24.07 -13.64 7.70
CA HIS B 180 23.84 -12.25 8.09
C HIS B 180 25.05 -11.34 8.00
N SER B 181 26.27 -11.89 7.88
CA SER B 181 27.48 -11.05 7.92
C SER B 181 28.29 -11.27 6.66
N PHE B 182 29.16 -10.31 6.41
CA PHE B 182 30.07 -10.33 5.26
C PHE B 182 31.36 -9.60 5.65
N SER B 183 32.38 -9.76 4.83
CA SER B 183 33.70 -9.23 5.10
C SER B 183 33.79 -7.75 4.78
N ARG B 184 34.51 -6.97 5.61
CA ARG B 184 35.12 -5.70 5.18
C ARG B 184 36.06 -5.92 3.96
N ARG B 185 36.03 -5.01 2.97
CA ARG B 185 36.94 -5.06 1.80
C ARG B 185 37.57 -3.69 1.60
N SER B 186 38.89 -3.64 1.33
CA SER B 186 39.62 -2.38 1.16
C SER B 186 39.30 -1.70 -0.18
N GLY B 187 38.45 -0.68 -0.08
CA GLY B 187 37.89 0.02 -1.24
C GLY B 187 36.48 -0.43 -1.59
N VAL B 188 35.65 -0.65 -0.55
CA VAL B 188 34.22 -0.96 -0.67
C VAL B 188 33.55 -0.14 0.45
N PRO B 189 32.94 1.03 0.18
CA PRO B 189 33.00 1.77 -1.08
C PRO B 189 34.27 2.61 -1.27
N GLY B 190 34.57 2.95 -2.53
CA GLY B 190 35.69 3.80 -2.91
C GLY B 190 35.64 5.25 -2.41
N THR B 191 34.45 5.85 -2.34
CA THR B 191 34.28 7.26 -1.97
C THR B 191 33.80 7.35 -0.51
N GLU B 192 34.55 8.11 0.30
CA GLU B 192 34.26 8.27 1.74
C GLU B 192 33.02 9.13 2.07
N GLY B 193 32.66 9.12 3.36
CA GLY B 193 31.74 10.10 3.97
C GLY B 193 30.43 9.58 4.56
N TRP B 194 29.95 8.43 4.05
CA TRP B 194 28.65 7.85 4.40
C TRP B 194 28.75 6.39 4.86
N ILE B 195 29.95 5.98 5.27
CA ILE B 195 30.29 4.58 5.48
C ILE B 195 30.27 4.32 6.98
N ALA B 196 29.59 3.25 7.40
CA ALA B 196 29.55 2.84 8.80
C ALA B 196 30.97 2.46 9.29
N PRO B 197 31.30 2.74 10.56
CA PRO B 197 32.68 2.49 11.05
C PRO B 197 33.16 1.04 10.93
N GLU B 198 32.26 0.09 11.18
CA GLU B 198 32.56 -1.34 11.04
C GLU B 198 32.81 -1.83 9.59
N MET B 199 32.48 -1.02 8.58
CA MET B 199 32.93 -1.30 7.19
C MET B 199 34.42 -1.06 6.96
N LEU B 200 35.02 -0.17 7.75
CA LEU B 200 36.38 0.30 7.54
C LEU B 200 37.35 -0.12 8.62
N SER B 201 37.01 0.10 9.90
CA SER B 201 38.01 -0.11 10.97
C SER B 201 38.16 -1.60 11.22
N GLU B 202 39.41 -2.04 11.18
CA GLU B 202 39.76 -3.42 11.57
C GLU B 202 39.65 -3.64 13.10
N ASP B 203 39.66 -2.55 13.90
CA ASP B 203 39.38 -2.58 15.36
C ASP B 203 37.99 -3.10 15.80
N CYS B 204 37.00 -3.03 14.90
CA CYS B 204 35.67 -3.64 15.16
C CYS B 204 35.70 -5.16 15.19
N LYS B 205 35.33 -5.74 16.33
CA LYS B 205 35.31 -7.19 16.53
C LYS B 205 34.35 -7.94 15.58
N GLU B 206 33.18 -7.36 15.34
CA GLU B 206 32.14 -8.01 14.56
C GLU B 206 32.18 -7.51 13.11
N ASN B 207 32.02 -8.43 12.17
CA ASN B 207 31.96 -8.10 10.76
C ASN B 207 30.66 -7.35 10.42
N PRO B 208 30.67 -6.53 9.35
CA PRO B 208 29.45 -5.80 8.96
C PRO B 208 28.29 -6.68 8.55
N THR B 209 27.09 -6.16 8.77
CA THR B 209 25.83 -6.82 8.50
C THR B 209 24.97 -5.82 7.70
N TYR B 210 23.69 -6.12 7.53
CA TYR B 210 22.75 -5.21 6.86
CA TYR B 210 22.70 -5.22 6.90
C TYR B 210 22.68 -3.83 7.55
N THR B 211 23.02 -3.78 8.86
CA THR B 211 23.00 -2.51 9.61
C THR B 211 23.98 -1.42 9.13
N VAL B 212 24.94 -1.75 8.27
CA VAL B 212 25.74 -0.73 7.57
C VAL B 212 24.86 0.24 6.77
N ASP B 213 23.82 -0.31 6.14
CA ASP B 213 22.87 0.52 5.36
C ASP B 213 21.98 1.40 6.21
N ILE B 214 21.65 0.94 7.42
CA ILE B 214 20.86 1.73 8.37
C ILE B 214 21.68 2.92 8.83
N PHE B 215 22.98 2.72 9.08
CA PHE B 215 23.90 3.84 9.41
C PHE B 215 23.90 4.88 8.30
N SER B 216 24.14 4.42 7.08
CA SER B 216 24.16 5.27 5.91
C SER B 216 22.84 6.00 5.73
N ALA B 217 21.74 5.26 5.88
CA ALA B 217 20.39 5.82 5.78
C ALA B 217 20.16 6.89 6.88
N GLY B 218 20.64 6.63 8.09
CA GLY B 218 20.59 7.59 9.20
C GLY B 218 21.22 8.91 8.87
N CYS B 219 22.40 8.87 8.25
CA CYS B 219 23.06 10.08 7.75
C CYS B 219 22.24 10.75 6.65
N VAL B 220 21.67 9.97 5.74
CA VAL B 220 20.78 10.50 4.69
C VAL B 220 19.53 11.19 5.29
N PHE B 221 18.88 10.55 6.27
CA PHE B 221 17.69 11.13 6.95
C PHE B 221 18.03 12.55 7.46
N TYR B 222 19.15 12.66 8.18
CA TYR B 222 19.60 13.92 8.73
C TYR B 222 19.93 14.95 7.66
N TYR B 223 20.62 14.50 6.61
CA TYR B 223 20.89 15.29 5.42
C TYR B 223 19.64 15.90 4.78
N VAL B 224 18.61 15.09 4.61
CA VAL B 224 17.34 15.57 4.04
C VAL B 224 16.62 16.56 4.97
N ILE B 225 16.39 16.16 6.22
CA ILE B 225 15.62 17.03 7.15
C ILE B 225 16.36 18.32 7.56
N SER B 226 17.69 18.25 7.67
CA SER B 226 18.52 19.45 7.91
C SER B 226 18.78 20.33 6.68
N GLU B 227 18.36 19.89 5.49
CA GLU B 227 18.56 20.57 4.21
C GLU B 227 20.03 20.70 3.81
N GLY B 228 20.81 19.64 4.05
CA GLY B 228 22.19 19.54 3.57
C GLY B 228 23.32 19.33 4.58
N SER B 229 23.03 19.25 5.88
CA SER B 229 24.08 18.95 6.89
C SER B 229 24.22 17.44 7.08
N HIS B 230 25.30 17.04 7.70
CA HIS B 230 25.66 15.65 7.87
C HIS B 230 25.98 15.49 9.35
N PRO B 231 25.51 14.40 9.99
CA PRO B 231 25.76 14.26 11.45
C PRO B 231 27.25 14.32 11.88
N PHE B 232 28.13 13.83 11.02
CA PHE B 232 29.58 13.80 11.21
C PHE B 232 30.42 14.95 10.56
N GLY B 233 29.75 15.99 10.08
CA GLY B 233 30.38 17.28 9.73
C GLY B 233 30.56 17.50 8.24
N LYS B 234 31.44 18.44 7.89
CA LYS B 234 31.74 18.80 6.49
C LYS B 234 32.51 17.66 5.81
N SER B 235 32.42 17.62 4.47
CA SER B 235 32.93 16.51 3.63
C SER B 235 34.34 16.01 3.93
N LEU B 236 35.27 16.94 4.17
CA LEU B 236 36.69 16.59 4.40
C LEU B 236 36.89 15.70 5.64
N GLN B 237 36.26 16.08 6.75
CA GLN B 237 36.43 15.42 8.07
C GLN B 237 35.40 14.33 8.40
N ARG B 238 34.42 14.09 7.52
CA ARG B 238 33.28 13.19 7.79
C ARG B 238 33.67 11.81 8.26
N GLN B 239 34.46 11.14 7.43
CA GLN B 239 34.79 9.74 7.67
C GLN B 239 35.68 9.54 8.89
N ALA B 240 36.63 10.46 9.10
CA ALA B 240 37.43 10.46 10.34
C ALA B 240 36.55 10.65 11.59
N ASN B 241 35.60 11.58 11.52
CA ASN B 241 34.60 11.75 12.60
C ASN B 241 33.71 10.50 12.83
N ILE B 242 33.34 9.81 11.75
CA ILE B 242 32.61 8.53 11.84
C ILE B 242 33.39 7.49 12.67
N LEU B 243 34.67 7.32 12.33
CA LEU B 243 35.55 6.39 13.07
C LEU B 243 35.70 6.78 14.55
N LEU B 244 35.77 8.08 14.84
CA LEU B 244 35.78 8.59 16.22
C LEU B 244 34.43 8.53 16.96
N GLY B 245 33.31 8.38 16.25
CA GLY B 245 31.97 8.54 16.82
C GLY B 245 31.60 9.98 17.17
N ALA B 246 32.24 10.96 16.54
CA ALA B 246 32.06 12.38 16.83
C ALA B 246 30.97 12.94 15.91
N CYS B 247 29.71 12.83 16.37
CA CYS B 247 28.56 13.39 15.62
C CYS B 247 27.86 14.51 16.36
N SER B 248 27.14 15.31 15.58
CA SER B 248 26.32 16.39 16.05
C SER B 248 25.02 16.38 15.27
N LEU B 249 23.89 16.43 15.97
CA LEU B 249 22.56 16.53 15.35
C LEU B 249 21.91 17.87 15.74
N ASP B 250 22.74 18.93 15.78
CA ASP B 250 22.32 20.22 16.34
CA ASP B 250 22.34 20.23 16.34
C ASP B 250 21.31 21.03 15.50
N CYS B 251 21.05 20.59 14.27
CA CYS B 251 19.92 21.14 13.51
C CYS B 251 18.54 20.69 14.04
N LEU B 252 18.50 19.66 14.89
CA LEU B 252 17.27 19.19 15.51
C LEU B 252 17.06 19.85 16.88
N HIS B 253 16.06 20.73 16.95
CA HIS B 253 15.81 21.53 18.16
C HIS B 253 15.32 20.60 19.29
N PRO B 254 15.92 20.68 20.50
CA PRO B 254 15.62 19.70 21.57
C PRO B 254 14.24 19.80 22.25
N GLU B 255 13.50 20.88 22.00
CA GLU B 255 12.17 21.09 22.58
C GLU B 255 11.14 21.41 21.47
N LYS B 256 11.23 20.68 20.35
CA LYS B 256 10.25 20.75 19.25
C LYS B 256 9.91 19.31 18.88
N HIS B 257 8.61 18.96 19.00
CA HIS B 257 8.09 17.58 18.85
C HIS B 257 8.68 16.80 17.66
N GLU B 258 8.58 17.40 16.49
CA GLU B 258 9.00 16.78 15.22
C GLU B 258 10.50 16.45 15.21
N ASP B 259 11.28 17.37 15.77
CA ASP B 259 12.73 17.23 15.92
C ASP B 259 13.15 16.26 17.00
N VAL B 260 12.41 16.23 18.13
CA VAL B 260 12.66 15.26 19.22
C VAL B 260 12.46 13.82 18.68
N ILE B 261 11.38 13.63 17.95
CA ILE B 261 11.05 12.32 17.33
C ILE B 261 12.12 11.94 16.27
N ALA B 262 12.48 12.87 15.40
CA ALA B 262 13.52 12.64 14.38
C ALA B 262 14.88 12.32 15.02
N ARG B 263 15.26 13.06 16.06
CA ARG B 263 16.52 12.81 16.74
C ARG B 263 16.57 11.43 17.38
N GLU B 264 15.49 11.04 18.05
CA GLU B 264 15.41 9.73 18.70
C GLU B 264 15.62 8.57 17.70
N LEU B 265 14.99 8.67 16.54
CA LEU B 265 15.21 7.70 15.44
C LEU B 265 16.64 7.75 14.90
N ILE B 266 17.07 8.94 14.48
CA ILE B 266 18.37 9.11 13.81
C ILE B 266 19.53 8.64 14.70
N GLU B 267 19.51 8.99 15.98
N GLU B 267 19.51 9.00 15.99
CA GLU B 267 20.58 8.59 16.91
CA GLU B 267 20.53 8.57 16.97
C GLU B 267 20.71 7.06 17.03
C GLU B 267 20.71 7.06 17.05
N LYS B 268 19.59 6.33 16.97
CA LYS B 268 19.60 4.87 16.90
C LYS B 268 20.13 4.37 15.55
N MET B 269 19.71 4.99 14.45
CA MET B 269 20.16 4.62 13.10
C MET B 269 21.67 4.76 12.93
N ILE B 270 22.27 5.79 13.53
CA ILE B 270 23.74 6.04 13.42
C ILE B 270 24.53 5.57 14.65
N ALA B 271 23.95 4.69 15.46
CA ALA B 271 24.62 4.20 16.67
C ALA B 271 25.95 3.52 16.33
N MET B 272 26.98 3.76 17.15
CA MET B 272 28.28 3.11 16.95
C MET B 272 28.19 1.59 17.10
N ASP B 273 27.36 1.12 18.01
CA ASP B 273 27.07 -0.31 18.16
C ASP B 273 26.08 -0.72 17.05
N PRO B 274 26.54 -1.48 16.01
CA PRO B 274 25.64 -1.86 14.90
C PRO B 274 24.41 -2.64 15.32
N GLN B 275 24.51 -3.43 16.39
CA GLN B 275 23.39 -4.23 16.89
C GLN B 275 22.27 -3.41 17.55
N LYS B 276 22.55 -2.15 17.91
CA LYS B 276 21.52 -1.22 18.39
C LYS B 276 20.78 -0.45 17.29
N ARG B 277 21.22 -0.59 16.03
CA ARG B 277 20.56 0.07 14.91
C ARG B 277 19.30 -0.69 14.53
N PRO B 278 18.17 0.02 14.36
CA PRO B 278 16.92 -0.65 14.00
C PRO B 278 16.95 -1.18 12.57
N SER B 279 16.30 -2.31 12.32
CA SER B 279 16.11 -2.82 10.95
C SER B 279 15.30 -1.82 10.11
N ALA B 280 15.32 -2.00 8.79
CA ALA B 280 14.58 -1.10 7.89
C ALA B 280 13.07 -1.12 8.18
N LYS B 281 12.51 -2.30 8.44
CA LYS B 281 11.10 -2.43 8.85
C LYS B 281 10.78 -1.75 10.19
N HIS B 282 11.71 -1.83 11.14
CA HIS B 282 11.63 -1.13 12.43
CA HIS B 282 11.63 -1.10 12.42
C HIS B 282 11.59 0.40 12.20
N VAL B 283 12.51 0.90 11.36
CA VAL B 283 12.56 2.33 11.00
C VAL B 283 11.21 2.79 10.42
N LEU B 284 10.62 1.98 9.54
CA LEU B 284 9.32 2.30 8.92
C LEU B 284 8.16 2.40 9.90
N LYS B 285 8.25 1.69 11.03
CA LYS B 285 7.25 1.74 12.10
C LYS B 285 7.41 2.92 13.06
N HIS B 286 8.52 3.66 12.95
CA HIS B 286 8.86 4.72 13.92
C HIS B 286 7.89 5.90 13.82
N PRO B 287 7.59 6.58 14.96
CA PRO B 287 6.70 7.76 14.91
C PRO B 287 7.05 8.92 13.97
N PHE B 288 8.33 9.02 13.60
CA PHE B 288 8.83 9.86 12.52
C PHE B 288 7.94 9.83 11.29
N PHE B 289 7.43 8.64 10.96
CA PHE B 289 6.59 8.44 9.79
C PHE B 289 5.07 8.49 10.02
N TRP B 290 4.59 8.65 11.27
CA TRP B 290 3.18 8.56 11.53
C TRP B 290 2.49 9.84 11.09
N SER B 291 1.32 9.71 10.46
CA SER B 291 0.44 10.85 10.26
C SER B 291 0.02 11.44 11.62
N LEU B 292 -0.47 12.67 11.57
CA LEU B 292 -1.00 13.30 12.76
C LEU B 292 -2.17 12.49 13.34
N GLU B 293 -3.03 11.96 12.49
CA GLU B 293 -4.12 11.10 12.92
C GLU B 293 -3.62 9.90 13.71
N LYS B 294 -2.56 9.27 13.21
CA LYS B 294 -1.98 8.10 13.84
C LYS B 294 -1.30 8.45 15.19
N GLN B 295 -0.68 9.61 15.28
CA GLN B 295 -0.15 10.10 16.57
C GLN B 295 -1.26 10.23 17.61
N LEU B 296 -2.39 10.81 17.18
CA LEU B 296 -3.54 10.94 18.03
C LEU B 296 -4.13 9.60 18.45
N GLN B 297 -4.22 8.67 17.50
CA GLN B 297 -4.75 7.36 17.80
C GLN B 297 -3.85 6.61 18.81
N PHE B 298 -2.54 6.75 18.65
CA PHE B 298 -1.59 6.18 19.63
C PHE B 298 -1.87 6.72 21.05
N PHE B 299 -1.96 8.04 21.19
CA PHE B 299 -2.36 8.62 22.48
C PHE B 299 -3.66 8.08 23.05
N GLN B 300 -4.66 7.95 22.19
CA GLN B 300 -5.96 7.39 22.60
C GLN B 300 -5.81 5.94 23.07
N ASP B 301 -5.15 5.12 22.26
CA ASP B 301 -4.88 3.71 22.58
C ASP B 301 -4.11 3.55 23.87
N VAL B 302 -3.11 4.41 24.08
CA VAL B 302 -2.34 4.39 25.33
C VAL B 302 -3.24 4.70 26.53
N SER B 303 -4.01 5.77 26.43
CA SER B 303 -4.91 6.18 27.51
C SER B 303 -5.96 5.11 27.84
N ASP B 304 -6.55 4.51 26.81
CA ASP B 304 -7.48 3.38 27.00
C ASP B 304 -6.79 2.19 27.68
N ARG B 305 -5.58 1.87 27.23
CA ARG B 305 -4.83 0.75 27.77
C ARG B 305 -4.49 0.88 29.26
N ILE B 306 -4.16 2.11 29.69
CA ILE B 306 -3.76 2.36 31.10
C ILE B 306 -4.89 2.86 32.03
N GLU B 307 -6.14 2.94 31.53
CA GLU B 307 -7.26 3.50 32.30
C GLU B 307 -7.57 2.78 33.60
N LYS B 308 -7.51 1.45 33.58
CA LYS B 308 -7.72 0.61 34.74
C LYS B 308 -6.44 0.01 35.32
N GLU B 309 -5.27 0.50 34.89
CA GLU B 309 -3.97 0.08 35.41
C GLU B 309 -3.75 0.69 36.83
N SER B 310 -3.13 -0.08 37.72
CA SER B 310 -2.75 0.42 39.04
C SER B 310 -1.64 1.47 38.91
N LEU B 311 -1.69 2.51 39.75
CA LEU B 311 -0.62 3.53 39.79
C LEU B 311 0.75 2.99 40.18
N ASP B 312 0.78 1.91 40.95
CA ASP B 312 2.03 1.23 41.35
C ASP B 312 2.53 0.11 40.42
N GLY B 313 1.77 -0.19 39.35
CA GLY B 313 2.14 -1.23 38.39
C GLY B 313 3.27 -0.77 37.48
N PRO B 314 4.00 -1.73 36.83
CA PRO B 314 5.13 -1.34 35.97
C PRO B 314 4.82 -0.42 34.77
N ILE B 315 3.62 -0.51 34.19
CA ILE B 315 3.26 0.33 33.03
C ILE B 315 3.19 1.81 33.44
N VAL B 316 2.36 2.12 34.44
CA VAL B 316 2.18 3.50 34.86
C VAL B 316 3.47 4.04 35.53
N LYS B 317 4.16 3.24 36.34
CA LYS B 317 5.47 3.62 36.90
C LYS B 317 6.45 4.08 35.81
N GLN B 318 6.51 3.30 34.72
CA GLN B 318 7.39 3.61 33.58
C GLN B 318 6.94 4.87 32.86
N LEU B 319 5.64 4.99 32.62
CA LEU B 319 5.06 6.19 32.01
C LEU B 319 5.27 7.45 32.87
N GLU B 320 5.22 7.31 34.19
CA GLU B 320 5.45 8.48 35.07
C GLU B 320 6.92 8.74 35.41
N ARG B 321 7.84 7.83 35.05
CA ARG B 321 9.28 8.02 35.29
C ARG B 321 9.84 9.09 34.34
N GLY B 322 10.40 10.15 34.88
CA GLY B 322 10.68 11.42 34.19
C GLY B 322 9.47 12.20 33.78
N GLY B 323 8.30 11.88 34.32
CA GLY B 323 7.04 12.40 33.83
C GLY B 323 6.82 13.89 34.09
N ARG B 324 7.27 14.38 35.26
CA ARG B 324 7.14 15.81 35.62
C ARG B 324 7.79 16.75 34.59
N ALA B 325 8.98 16.39 34.10
CA ALA B 325 9.63 17.16 33.03
C ALA B 325 8.82 17.18 31.72
N VAL B 326 8.18 16.05 31.40
CA VAL B 326 7.40 15.91 30.18
C VAL B 326 6.15 16.79 30.19
N VAL B 327 5.50 16.85 31.35
CA VAL B 327 4.30 17.69 31.54
C VAL B 327 4.61 19.12 31.99
N LYS B 328 5.90 19.46 32.09
CA LYS B 328 6.39 20.78 32.47
C LYS B 328 5.92 21.18 33.86
N MET B 329 6.09 20.24 34.80
CA MET B 329 5.70 20.32 36.23
C MET B 329 4.18 20.21 36.47
N ASP B 330 3.39 21.00 35.76
CA ASP B 330 1.93 21.01 35.86
C ASP B 330 1.40 21.32 34.50
N TRP B 331 0.86 20.31 33.81
CA TRP B 331 0.35 20.48 32.43
C TRP B 331 -0.86 21.43 32.36
N ARG B 332 -1.60 21.55 33.46
CA ARG B 332 -2.75 22.48 33.50
C ARG B 332 -2.33 23.93 33.36
N GLU B 333 -1.13 24.29 33.81
CA GLU B 333 -0.57 25.65 33.65
C GLU B 333 -0.04 25.91 32.22
N ASN B 334 0.08 24.88 31.38
CA ASN B 334 0.67 24.99 30.03
C ASN B 334 -0.29 24.65 28.90
N ILE B 335 -1.58 24.83 29.15
CA ILE B 335 -2.64 24.71 28.13
C ILE B 335 -3.39 26.04 28.14
N THR B 336 -4.20 26.30 27.11
CA THR B 336 -4.95 27.55 27.01
C THR B 336 -6.06 27.63 28.07
N VAL B 337 -6.41 28.84 28.45
CA VAL B 337 -7.42 29.11 29.51
C VAL B 337 -8.80 28.44 29.25
N PRO B 338 -9.32 28.47 28.00
CA PRO B 338 -10.60 27.78 27.75
C PRO B 338 -10.57 26.28 28.05
N LEU B 339 -9.43 25.63 27.72
CA LEU B 339 -9.25 24.23 28.06
C LEU B 339 -9.11 24.01 29.58
N GLN B 340 -8.31 24.85 30.24
CA GLN B 340 -8.17 24.82 31.72
C GLN B 340 -9.51 24.85 32.43
N THR B 341 -10.33 25.83 32.04
CA THR B 341 -11.69 26.01 32.56
C THR B 341 -12.52 24.75 32.33
N ASP B 342 -12.46 24.22 31.11
CA ASP B 342 -13.23 23.02 30.76
C ASP B 342 -12.81 21.77 31.54
N LEU B 343 -11.52 21.66 31.89
CA LEU B 343 -10.99 20.47 32.57
C LEU B 343 -11.16 20.44 34.09
N ARG B 344 -11.42 21.59 34.73
CA ARG B 344 -11.62 21.60 36.20
C ARG B 344 -12.91 20.90 36.69
N LYS B 345 -13.84 20.56 35.78
CA LYS B 345 -14.97 19.64 36.04
C LYS B 345 -14.54 18.28 36.66
N PHE B 346 -13.48 17.69 36.11
CA PHE B 346 -12.77 16.54 36.69
C PHE B 346 -11.59 17.02 37.55
N ARG B 347 -11.86 17.31 38.82
CA ARG B 347 -10.84 17.80 39.79
C ARG B 347 -9.79 16.74 40.20
N THR B 348 -10.08 15.47 39.93
CA THR B 348 -9.13 14.36 40.16
C THR B 348 -7.99 14.23 39.10
N TYR B 349 -7.91 15.10 38.06
CA TYR B 349 -6.72 15.15 37.18
C TYR B 349 -5.50 15.80 37.86
N LYS B 350 -4.41 15.04 37.90
CA LYS B 350 -3.16 15.45 38.52
C LYS B 350 -2.30 16.16 37.46
N GLY B 351 -1.96 17.42 37.73
CA GLY B 351 -1.09 18.18 36.83
C GLY B 351 0.32 17.63 36.61
N GLY B 352 0.83 16.90 37.60
CA GLY B 352 2.15 16.27 37.49
C GLY B 352 2.17 14.95 36.76
N SER B 353 1.01 14.47 36.30
CA SER B 353 0.87 13.12 35.75
C SER B 353 0.78 13.09 34.22
N VAL B 354 1.63 12.28 33.61
CA VAL B 354 1.54 11.96 32.16
C VAL B 354 0.24 11.20 31.88
N ARG B 355 -0.06 10.19 32.69
CA ARG B 355 -1.32 9.41 32.54
C ARG B 355 -2.54 10.35 32.48
N ASP B 356 -2.59 11.33 33.37
CA ASP B 356 -3.73 12.26 33.41
C ASP B 356 -3.82 13.24 32.28
N LEU B 357 -2.66 13.71 31.79
CA LEU B 357 -2.64 14.51 30.55
C LEU B 357 -3.24 13.72 29.38
N LEU B 358 -2.79 12.48 29.24
CA LEU B 358 -3.31 11.55 28.23
C LEU B 358 -4.78 11.27 28.40
N ARG B 359 -5.22 11.11 29.67
CA ARG B 359 -6.66 10.99 29.97
C ARG B 359 -7.47 12.20 29.51
N ALA B 360 -6.94 13.40 29.76
CA ALA B 360 -7.61 14.66 29.34
C ALA B 360 -7.77 14.73 27.83
N MET B 361 -6.68 14.40 27.13
CA MET B 361 -6.66 14.38 25.68
C MET B 361 -7.70 13.41 25.10
N ARG B 362 -7.71 12.21 25.66
CA ARG B 362 -8.67 11.19 25.20
C ARG B 362 -10.09 11.59 25.49
N ASN B 363 -10.33 12.12 26.68
CA ASN B 363 -11.67 12.58 27.07
C ASN B 363 -12.17 13.67 26.12
N LYS B 364 -11.33 14.67 25.84
CA LYS B 364 -11.74 15.76 24.96
C LYS B 364 -11.89 15.37 23.49
N LYS B 365 -11.07 14.44 23.03
CA LYS B 365 -11.27 13.83 21.69
C LYS B 365 -12.60 13.11 21.61
N HIS B 366 -12.83 12.21 22.56
CA HIS B 366 -14.07 11.44 22.63
C HIS B 366 -15.35 12.28 22.74
N HIS B 367 -15.33 13.30 23.60
CA HIS B 367 -16.47 14.19 23.80
C HIS B 367 -16.41 15.50 22.98
N TYR B 368 -15.55 15.57 21.94
CA TYR B 368 -15.29 16.80 21.15
C TYR B 368 -16.53 17.52 20.64
N ARG B 369 -17.49 16.79 20.10
CA ARG B 369 -18.73 17.40 19.57
C ARG B 369 -19.58 18.05 20.64
N GLU B 370 -19.50 17.54 21.88
CA GLU B 370 -20.26 18.05 23.03
C GLU B 370 -19.57 19.25 23.73
N LEU B 371 -18.32 19.57 23.39
CA LEU B 371 -17.58 20.68 24.01
C LEU B 371 -18.14 22.03 23.60
N PRO B 372 -18.05 23.05 24.49
CA PRO B 372 -18.47 24.38 24.03
C PRO B 372 -17.62 24.90 22.87
N ALA B 373 -18.22 25.75 22.04
CA ALA B 373 -17.56 26.33 20.85
C ALA B 373 -16.18 26.93 21.13
N GLU B 374 -16.05 27.66 22.25
CA GLU B 374 -14.77 28.26 22.68
C GLU B 374 -13.68 27.20 22.91
N VAL B 375 -14.07 26.05 23.45
CA VAL B 375 -13.16 24.92 23.71
C VAL B 375 -12.78 24.20 22.42
N ARG B 376 -13.77 23.92 21.57
CA ARG B 376 -13.51 23.36 20.22
C ARG B 376 -12.56 24.27 19.43
N GLU B 377 -12.79 25.58 19.55
CA GLU B 377 -11.98 26.57 18.85
C GLU B 377 -10.54 26.60 19.33
N THR B 378 -10.30 26.56 20.64
CA THR B 378 -8.93 26.58 21.16
C THR B 378 -8.17 25.29 20.76
N LEU B 379 -8.85 24.16 20.86
CA LEU B 379 -8.25 22.87 20.50
C LEU B 379 -7.94 22.74 19.01
N GLY B 380 -8.81 23.32 18.17
CA GLY B 380 -8.77 23.11 16.73
C GLY B 380 -9.47 21.80 16.38
N SER B 381 -9.67 21.58 15.09
CA SER B 381 -10.46 20.44 14.62
C SER B 381 -9.69 19.13 14.72
N LEU B 382 -10.49 18.05 14.76
CA LEU B 382 -9.97 16.68 14.88
C LEU B 382 -9.67 16.11 13.49
N PRO B 383 -8.61 15.33 13.32
CA PRO B 383 -7.57 14.99 14.34
C PRO B 383 -6.34 15.90 14.36
N ASP B 384 -6.05 16.59 13.27
CA ASP B 384 -4.74 17.18 13.01
C ASP B 384 -4.40 18.35 13.94
N ASP B 385 -5.23 19.37 13.93
CA ASP B 385 -5.02 20.54 14.80
C ASP B 385 -5.12 20.16 16.28
N PHE B 386 -6.07 19.31 16.63
CA PHE B 386 -6.22 18.78 17.98
C PHE B 386 -4.94 18.17 18.50
N VAL B 387 -4.33 17.23 17.77
CA VAL B 387 -3.12 16.56 18.31
C VAL B 387 -1.93 17.56 18.43
N CYS B 388 -1.82 18.47 17.46
CA CYS B 388 -0.79 19.52 17.44
C CYS B 388 -0.88 20.48 18.63
N TYR B 389 -2.11 20.77 19.08
CA TYR B 389 -2.34 21.53 20.32
C TYR B 389 -1.49 20.96 21.45
N PHE B 390 -1.53 19.63 21.60
CA PHE B 390 -0.79 18.95 22.66
C PHE B 390 0.69 18.73 22.35
N THR B 391 1.04 18.27 21.14
CA THR B 391 2.43 18.01 20.78
C THR B 391 3.25 19.30 20.67
N SER B 392 2.63 20.40 20.21
CA SER B 392 3.32 21.70 20.24
C SER B 392 3.65 22.18 21.65
N ARG B 393 2.81 21.86 22.63
CA ARG B 393 2.97 22.34 24.03
C ARG B 393 3.80 21.42 24.89
N PHE B 394 3.76 20.11 24.58
CA PHE B 394 4.49 19.09 25.29
C PHE B 394 5.35 18.36 24.25
N PRO B 395 6.48 18.97 23.84
CA PRO B 395 7.29 18.40 22.76
C PRO B 395 7.86 17.00 23.03
N HIS B 396 7.98 16.61 24.31
CA HIS B 396 8.46 15.28 24.69
C HIS B 396 7.40 14.22 24.91
N LEU B 397 6.14 14.57 24.80
CA LEU B 397 5.06 13.69 25.19
C LEU B 397 5.01 12.39 24.35
N LEU B 398 5.05 12.52 23.05
CA LEU B 398 5.00 11.34 22.16
C LEU B 398 6.25 10.49 22.34
N ALA B 399 7.43 11.11 22.25
CA ALA B 399 8.70 10.38 22.38
C ALA B 399 8.78 9.60 23.72
N HIS B 400 8.38 10.28 24.80
CA HIS B 400 8.32 9.69 26.13
C HIS B 400 7.36 8.52 26.23
N THR B 401 6.14 8.76 25.74
CA THR B 401 5.09 7.78 25.80
C THR B 401 5.43 6.54 24.94
N TYR B 402 5.99 6.79 23.75
CA TYR B 402 6.40 5.72 22.82
C TYR B 402 7.46 4.81 23.46
N ARG B 403 8.42 5.44 24.11
CA ARG B 403 9.44 4.70 24.87
C ARG B 403 8.88 3.91 26.04
N ALA B 404 8.08 4.57 26.86
CA ALA B 404 7.48 3.93 28.05
C ALA B 404 6.57 2.76 27.68
N MET B 405 5.79 2.92 26.62
CA MET B 405 4.81 1.92 26.20
C MET B 405 5.36 0.75 25.38
N GLU B 406 6.68 0.72 25.15
CA GLU B 406 7.38 -0.50 24.72
C GLU B 406 7.05 -1.74 25.54
N LEU B 407 6.73 -1.57 26.83
CA LEU B 407 6.23 -2.66 27.69
C LEU B 407 5.00 -3.41 27.13
N CYS B 408 4.16 -2.72 26.37
CA CYS B 408 3.00 -3.30 25.69
C CYS B 408 3.21 -3.58 24.20
N SER B 409 4.44 -3.53 23.70
CA SER B 409 4.72 -3.60 22.24
C SER B 409 4.38 -4.95 21.55
N HIS B 410 4.43 -6.01 22.33
N HIS B 410 4.38 -6.03 22.33
CA HIS B 410 3.96 -7.36 21.96
CA HIS B 410 3.93 -7.35 21.85
C HIS B 410 2.43 -7.52 21.85
C HIS B 410 2.41 -7.54 21.84
N GLU B 411 1.65 -6.64 22.49
CA GLU B 411 0.19 -6.74 22.54
C GLU B 411 -0.43 -6.36 21.21
N ARG B 412 -1.49 -7.09 20.83
CA ARG B 412 -2.16 -6.88 19.55
C ARG B 412 -2.55 -5.43 19.29
N LEU B 413 -3.06 -4.75 20.33
CA LEU B 413 -3.47 -3.34 20.27
C LEU B 413 -2.37 -2.40 19.79
N PHE B 414 -1.11 -2.72 20.11
CA PHE B 414 0.04 -1.89 19.75
C PHE B 414 0.76 -2.27 18.45
N GLN B 415 0.23 -3.23 17.70
CA GLN B 415 0.79 -3.65 16.42
C GLN B 415 0.95 -2.55 15.36
N PRO B 416 0.04 -1.56 15.29
CA PRO B 416 0.31 -0.36 14.45
C PRO B 416 1.60 0.40 14.70
N TYR B 417 2.12 0.31 15.94
CA TYR B 417 3.04 1.29 16.44
C TYR B 417 4.43 0.75 16.65
N TYR B 418 4.60 -0.56 16.79
CA TYR B 418 5.90 -1.20 17.01
C TYR B 418 6.08 -2.35 16.02
N PHE B 419 7.33 -2.67 15.73
CA PHE B 419 7.68 -3.84 14.89
C PHE B 419 8.25 -4.92 15.79
N HIS B 420 7.86 -6.18 15.57
CA HIS B 420 8.42 -7.33 16.29
C HIS B 420 8.86 -8.40 15.29
#